data_8V97
#
_entry.id   8V97
#
_cell.length_a   62.333
_cell.length_b   72.025
_cell.length_c   81.870
_cell.angle_alpha   90.00
_cell.angle_beta   111.02
_cell.angle_gamma   90.00
#
_symmetry.space_group_name_H-M   'P 1 21 1'
#
loop_
_entity.id
_entity.type
_entity.pdbx_description
1 polymer 'Capsid protein VP1'
2 non-polymer 1,2-ETHANEDIOL
3 non-polymer DI(HYDROXYETHYL)ETHER
4 water water
#
_entity_poly.entity_id   1
_entity_poly.type   'polypeptide(L)'
_entity_poly.pdbx_seq_one_letter_code
;MKMASNDAAPSNDGATGLVPEINNETLPLEPVAGAAIAAPVTGQNNIIDPWIRTNFVQAPNGEFTVSPRNSPGEILLNLE
LGPDLNPYLAHLSRMYNGYAGGVEVQVLLAGNAFTAGKILFAAVPPNFPVEFLSPAQITMLPHLIVDVRTLEPIMIPLPD
VRNTFFHYNNQPANRMRLVAMLYTPLRSNGSGDDVFTVSCRVLTRPTPDFEFTYLVPPSVESKTKPFSLPILTISELTNS
RFPAPIDSLFTAQNNNLNVQCQNGRCTLDGELQGTTQLLPSGICAFRGRLTADVDGSHDDRWHMQLTNLNGTPFDPTEDV
PAPLGTPDFTGLLFGVASQRNVGSNPNTTRAHEAVVSTTSSQFVPKLGSVNFGSTSTDFQLQQPTKFTPVGIKIESGHEF
DQWALPRYSGHLTLNMNLAPPIAPNFPGEQLLFFRSNVPCAGGVSDGVIDCLLPQEWIQHFYQESAPSQSDVALIRYVNP
DTGRTLFEAKLHRTGYITVAHSGDYPLVVPSNGYFRFDSWVNQFYSLAPMGTGNGRRRVQ
;
_entity_poly.pdbx_strand_id   A,B
#
loop_
_chem_comp.id
_chem_comp.type
_chem_comp.name
_chem_comp.formula
EDO non-polymer 1,2-ETHANEDIOL 'C2 H6 O2'
PEG non-polymer DI(HYDROXYETHYL)ETHER 'C4 H10 O3'
#
# COMPACT_ATOMS: atom_id res chain seq x y z
N THR A 224 15.65 26.34 -12.39
CA THR A 224 14.59 25.61 -11.70
C THR A 224 14.78 24.11 -11.89
N LYS A 225 14.49 23.34 -10.84
CA LYS A 225 14.61 21.89 -10.93
C LYS A 225 13.70 21.37 -12.06
N PRO A 226 14.20 20.53 -12.95
CA PRO A 226 13.36 20.01 -14.03
C PRO A 226 12.25 19.11 -13.49
N PHE A 227 11.06 19.29 -14.05
CA PHE A 227 9.93 18.40 -13.75
C PHE A 227 10.16 17.03 -14.38
N SER A 228 9.60 15.99 -13.75
CA SER A 228 9.77 14.62 -14.24
C SER A 228 8.66 13.73 -13.70
N LEU A 229 8.46 12.61 -14.37
CA LEU A 229 7.59 11.53 -13.91
C LEU A 229 8.47 10.33 -13.57
N PRO A 230 8.09 9.52 -12.57
CA PRO A 230 8.83 8.28 -12.33
C PRO A 230 8.60 7.34 -13.50
N ILE A 231 9.52 6.39 -13.68
CA ILE A 231 9.45 5.41 -14.76
C ILE A 231 8.81 4.15 -14.17
N LEU A 232 7.51 3.98 -14.42
CA LEU A 232 6.75 2.89 -13.83
C LEU A 232 5.70 2.45 -14.84
N THR A 233 5.67 1.14 -15.12
CA THR A 233 4.63 0.58 -15.96
C THR A 233 3.31 0.50 -15.19
N ILE A 234 2.23 0.19 -15.92
CA ILE A 234 0.89 0.14 -15.32
CA ILE A 234 0.92 0.19 -15.28
C ILE A 234 0.87 -0.78 -14.11
N SER A 235 1.49 -1.95 -14.25
CA SER A 235 1.44 -2.90 -13.14
C SER A 235 2.40 -2.55 -12.00
N GLU A 236 3.19 -1.49 -12.15
CA GLU A 236 4.03 -0.95 -11.10
C GLU A 236 3.42 0.28 -10.45
N LEU A 237 2.14 0.55 -10.70
CA LEU A 237 1.44 1.72 -10.18
C LEU A 237 0.31 1.33 -9.24
N THR A 238 0.07 2.20 -8.25
CA THR A 238 -0.97 2.03 -7.25
C THR A 238 -2.05 3.09 -7.44
N ASN A 239 -3.30 2.70 -7.31
CA ASN A 239 -4.40 3.66 -7.32
C ASN A 239 -4.27 4.59 -6.12
N SER A 240 -4.52 5.88 -6.34
CA SER A 240 -4.47 6.87 -5.26
C SER A 240 -5.79 7.01 -4.54
N ARG A 241 -6.83 6.29 -4.98
CA ARG A 241 -8.14 6.37 -4.34
C ARG A 241 -8.54 5.07 -3.67
N PHE A 242 -7.76 4.00 -3.86
CA PHE A 242 -8.01 2.75 -3.17
C PHE A 242 -6.70 1.98 -3.17
N PRO A 243 -6.37 1.25 -2.11
CA PRO A 243 -5.09 0.52 -2.11
C PRO A 243 -5.15 -0.70 -3.01
N ALA A 244 -4.87 -0.49 -4.29
CA ALA A 244 -4.95 -1.55 -5.28
C ALA A 244 -4.03 -1.19 -6.43
N PRO A 245 -3.47 -2.19 -7.11
CA PRO A 245 -2.72 -1.89 -8.34
C PRO A 245 -3.62 -1.29 -9.40
N ILE A 246 -3.02 -0.47 -10.27
CA ILE A 246 -3.71 -0.04 -11.47
C ILE A 246 -3.87 -1.24 -12.41
N ASP A 247 -5.05 -1.39 -12.98
CA ASP A 247 -5.33 -2.46 -13.92
C ASP A 247 -5.28 -2.02 -15.38
N SER A 248 -5.68 -0.78 -15.69
CA SER A 248 -5.80 -0.32 -17.07
C SER A 248 -5.87 1.20 -17.07
N LEU A 249 -5.80 1.77 -18.28
CA LEU A 249 -6.03 3.18 -18.50
C LEU A 249 -7.34 3.34 -19.26
N PHE A 250 -8.11 4.37 -18.94
CA PHE A 250 -9.44 4.52 -19.51
C PHE A 250 -9.71 6.00 -19.75
N THR A 251 -10.22 6.34 -20.93
CA THR A 251 -10.69 7.69 -21.19
C THR A 251 -12.22 7.67 -21.32
N ALA A 252 -12.87 8.63 -20.69
CA ALA A 252 -14.32 8.64 -20.58
C ALA A 252 -14.94 9.71 -21.46
N GLN A 253 -16.02 9.33 -22.14
CA GLN A 253 -16.86 10.30 -22.82
C GLN A 253 -17.31 11.38 -21.84
N ASN A 254 -17.33 12.61 -22.31
CA ASN A 254 -17.79 13.71 -21.47
C ASN A 254 -19.31 13.65 -21.34
N ASN A 255 -19.79 13.80 -20.10
CA ASN A 255 -21.21 13.70 -19.82
C ASN A 255 -21.61 14.59 -18.64
N ASN A 256 -20.97 15.75 -18.50
CA ASN A 256 -21.22 16.68 -17.39
C ASN A 256 -21.09 16.02 -16.02
N LEU A 257 -20.16 15.07 -15.90
CA LEU A 257 -19.88 14.45 -14.62
C LEU A 257 -19.09 15.41 -13.75
N ASN A 258 -19.47 15.52 -12.47
CA ASN A 258 -18.69 16.29 -11.52
C ASN A 258 -17.61 15.37 -10.96
N VAL A 259 -16.39 15.52 -11.46
CA VAL A 259 -15.23 14.79 -10.98
C VAL A 259 -14.60 15.64 -9.90
N GLN A 260 -14.74 15.21 -8.65
CA GLN A 260 -14.28 16.01 -7.52
C GLN A 260 -13.74 15.11 -6.42
N CYS A 261 -12.98 14.09 -6.81
CA CYS A 261 -12.40 13.21 -5.82
C CYS A 261 -11.45 13.99 -4.92
N GLN A 262 -11.30 13.51 -3.69
CA GLN A 262 -10.50 14.19 -2.68
C GLN A 262 -9.23 13.44 -2.32
N ASN A 263 -9.21 12.12 -2.51
CA ASN A 263 -7.95 11.38 -2.52
C ASN A 263 -7.35 11.43 -3.93
N GLY A 264 -6.04 11.24 -4.00
CA GLY A 264 -5.35 11.31 -5.28
C GLY A 264 -5.34 12.70 -5.91
N ARG A 265 -5.21 13.73 -5.09
CA ARG A 265 -5.19 15.12 -5.56
C ARG A 265 -3.84 15.73 -5.18
N CYS A 266 -3.12 16.23 -6.18
CA CYS A 266 -1.79 16.78 -5.97
C CYS A 266 -1.45 17.66 -7.16
N THR A 267 -0.83 18.81 -6.90
CA THR A 267 -0.32 19.62 -8.00
C THR A 267 1.01 19.06 -8.51
N LEU A 268 1.38 19.49 -9.72
CA LEU A 268 2.63 19.01 -10.31
C LEU A 268 3.84 19.47 -9.54
N ASP A 269 3.73 20.57 -8.77
CA ASP A 269 4.83 21.00 -7.93
C ASP A 269 4.78 20.43 -6.52
N GLY A 270 3.92 19.43 -6.28
CA GLY A 270 4.00 18.65 -5.06
C GLY A 270 3.15 19.07 -3.89
N GLU A 271 2.10 19.85 -4.13
CA GLU A 271 1.18 20.22 -3.05
C GLU A 271 0.02 19.23 -3.02
N LEU A 272 -0.05 18.43 -1.95
CA LEU A 272 -1.17 17.53 -1.74
CA LEU A 272 -1.17 17.53 -1.81
C LEU A 272 -2.43 18.32 -1.45
N GLN A 273 -3.58 17.82 -1.94
CA GLN A 273 -4.84 18.54 -1.77
C GLN A 273 -5.92 17.59 -1.28
N GLY A 274 -7.06 18.16 -0.92
CA GLY A 274 -8.19 17.34 -0.49
C GLY A 274 -7.86 16.58 0.77
N THR A 275 -8.10 15.27 0.74
CA THR A 275 -7.76 14.37 1.84
C THR A 275 -6.52 13.53 1.54
N THR A 276 -5.72 13.97 0.59
CA THR A 276 -4.63 13.15 0.08
C THR A 276 -3.46 13.13 1.06
N GLN A 277 -2.98 11.92 1.33
CA GLN A 277 -1.76 11.70 2.11
C GLN A 277 -0.86 10.75 1.30
N LEU A 278 0.31 10.42 1.86
CA LEU A 278 1.35 9.78 1.05
C LEU A 278 1.32 8.25 1.04
N LEU A 279 0.73 7.60 2.04
CA LEU A 279 0.89 6.14 2.18
CA LEU A 279 0.90 6.15 2.16
C LEU A 279 -0.22 5.40 1.43
N PRO A 280 0.10 4.42 0.59
CA PRO A 280 -0.96 3.53 0.10
C PRO A 280 -1.78 2.94 1.24
N SER A 281 -1.15 2.62 2.37
CA SER A 281 -1.82 2.05 3.54
C SER A 281 -2.71 3.06 4.26
N GLY A 282 -2.67 4.33 3.89
CA GLY A 282 -3.56 5.30 4.49
C GLY A 282 -4.84 5.53 3.70
N ILE A 283 -4.88 5.08 2.45
CA ILE A 283 -6.03 5.36 1.58
C ILE A 283 -7.22 4.53 2.04
N CYS A 284 -8.32 5.19 2.40
CA CYS A 284 -9.53 4.54 2.89
C CYS A 284 -9.33 3.79 4.20
N ALA A 285 -8.30 4.15 4.97
CA ALA A 285 -8.08 3.56 6.29
C ALA A 285 -8.52 4.52 7.38
N PHE A 286 -8.77 3.94 8.57
CA PHE A 286 -9.09 4.73 9.76
C PHE A 286 -8.28 4.21 10.93
N ARG A 287 -8.01 5.12 11.86
CA ARG A 287 -7.35 4.80 13.10
C ARG A 287 -8.04 5.54 14.23
N GLY A 288 -8.10 4.90 15.40
CA GLY A 288 -8.70 5.53 16.56
C GLY A 288 -9.01 4.55 17.66
N ARG A 289 -10.18 4.71 18.26
CA ARG A 289 -10.62 3.80 19.34
C ARG A 289 -12.13 3.77 19.35
N LEU A 290 -12.70 2.64 19.73
CA LEU A 290 -14.15 2.58 19.88
C LEU A 290 -14.53 3.19 21.21
N THR A 291 -15.50 4.09 21.19
CA THR A 291 -15.93 4.75 22.40
C THR A 291 -17.39 4.49 22.75
N ALA A 292 -18.13 3.81 21.89
CA ALA A 292 -19.52 3.50 22.20
C ALA A 292 -19.98 2.32 21.36
N ASP A 293 -20.88 1.54 21.93
CA ASP A 293 -21.62 0.50 21.24
C ASP A 293 -23.08 0.97 21.20
N VAL A 294 -23.55 1.33 20.01
CA VAL A 294 -24.88 1.95 19.89
C VAL A 294 -25.88 0.97 19.28
N ASP A 295 -25.67 -0.31 19.55
CA ASP A 295 -26.64 -1.34 19.19
C ASP A 295 -28.02 -0.94 19.70
N GLY A 296 -29.02 -1.13 18.86
CA GLY A 296 -30.37 -0.73 19.18
C GLY A 296 -30.74 0.66 18.72
N SER A 297 -29.74 1.50 18.44
CA SER A 297 -29.95 2.82 17.87
C SER A 297 -29.49 2.92 16.41
N HIS A 298 -28.49 2.13 16.01
CA HIS A 298 -27.95 2.17 14.66
C HIS A 298 -27.47 0.78 14.27
N ASP A 299 -27.67 0.43 12.99
CA ASP A 299 -27.19 -0.87 12.51
C ASP A 299 -25.67 -0.95 12.57
N ASP A 300 -24.99 0.15 12.27
CA ASP A 300 -23.53 0.23 12.43
C ASP A 300 -23.25 0.59 13.89
N ARG A 301 -23.14 -0.44 14.74
CA ARG A 301 -23.16 -0.23 16.18
C ARG A 301 -21.84 0.26 16.77
N TRP A 302 -20.72 0.10 16.07
CA TRP A 302 -19.42 0.40 16.66
C TRP A 302 -19.01 1.83 16.32
N HIS A 303 -18.94 2.68 17.33
CA HIS A 303 -18.63 4.10 17.16
C HIS A 303 -17.13 4.30 17.33
N MET A 304 -16.47 4.67 16.24
CA MET A 304 -15.02 4.80 16.20
C MET A 304 -14.60 6.27 16.22
N GLN A 305 -14.04 6.70 17.35
CA GLN A 305 -13.53 8.04 17.49
C GLN A 305 -12.14 8.07 16.85
N LEU A 306 -11.95 8.96 15.89
CA LEU A 306 -10.77 8.92 15.03
C LEU A 306 -9.60 9.71 15.61
N THR A 307 -8.41 9.22 15.34
CA THR A 307 -7.21 10.05 15.31
C THR A 307 -6.81 10.25 13.86
N ASN A 308 -5.76 11.03 13.65
CA ASN A 308 -5.15 11.02 12.32
C ASN A 308 -4.48 9.66 12.12
N LEU A 309 -4.24 9.31 10.86
CA LEU A 309 -3.65 8.01 10.57
C LEU A 309 -2.29 7.82 11.23
N ASN A 310 -1.54 8.89 11.43
CA ASN A 310 -0.23 8.76 12.05
C ASN A 310 -0.29 8.72 13.57
N GLY A 311 -1.49 8.74 14.16
CA GLY A 311 -1.65 8.62 15.59
C GLY A 311 -1.85 9.94 16.30
N THR A 312 -1.54 11.06 15.65
CA THR A 312 -1.75 12.36 16.28
C THR A 312 -3.25 12.65 16.39
N PRO A 313 -3.65 13.48 17.36
CA PRO A 313 -5.08 13.69 17.59
C PRO A 313 -5.75 14.39 16.42
N PHE A 314 -7.01 14.02 16.21
CA PHE A 314 -7.80 14.68 15.19
C PHE A 314 -8.05 16.12 15.61
N ASP A 315 -7.94 17.03 14.65
CA ASP A 315 -8.20 18.46 14.87
C ASP A 315 -9.28 18.91 13.91
N PRO A 316 -10.52 19.08 14.37
CA PRO A 316 -11.60 19.47 13.45
C PRO A 316 -11.41 20.84 12.82
N THR A 317 -10.55 21.69 13.38
CA THR A 317 -10.40 23.05 12.87
C THR A 317 -9.52 23.14 11.64
N GLU A 318 -8.83 22.05 11.28
CA GLU A 318 -7.97 22.06 10.10
C GLU A 318 -8.79 22.36 8.85
N ASP A 319 -8.17 23.10 7.92
CA ASP A 319 -8.82 23.47 6.66
C ASP A 319 -8.73 22.33 5.64
N VAL A 320 -9.28 21.18 6.02
CA VAL A 320 -9.38 20.02 5.16
C VAL A 320 -10.83 19.56 5.18
N PRO A 321 -11.27 18.80 4.18
CA PRO A 321 -12.67 18.34 4.17
C PRO A 321 -12.95 17.27 5.21
N ALA A 322 -11.94 16.52 5.62
CA ALA A 322 -12.06 15.36 6.49
C ALA A 322 -10.64 14.91 6.81
N PRO A 323 -10.46 13.99 7.77
CA PRO A 323 -9.11 13.49 8.04
C PRO A 323 -8.50 12.91 6.78
N LEU A 324 -7.18 13.05 6.64
CA LEU A 324 -6.51 12.54 5.46
C LEU A 324 -6.73 11.04 5.34
N GLY A 325 -6.98 10.58 4.11
CA GLY A 325 -7.25 9.18 3.84
C GLY A 325 -8.71 8.79 3.82
N THR A 326 -9.60 9.63 4.35
CA THR A 326 -11.02 9.30 4.39
C THR A 326 -11.51 8.91 2.99
N PRO A 327 -12.37 7.89 2.86
CA PRO A 327 -12.94 7.57 1.54
C PRO A 327 -13.68 8.75 0.94
N ASP A 328 -13.64 8.83 -0.40
CA ASP A 328 -14.24 9.94 -1.15
C ASP A 328 -15.33 9.47 -2.10
N PHE A 329 -16.01 8.39 -1.75
CA PHE A 329 -17.06 7.83 -2.59
C PHE A 329 -18.28 7.50 -1.74
N THR A 330 -19.38 7.23 -2.43
CA THR A 330 -20.65 6.88 -1.80
C THR A 330 -20.86 5.37 -1.95
N GLY A 331 -21.01 4.67 -0.82
CA GLY A 331 -21.24 3.25 -0.86
C GLY A 331 -20.77 2.59 0.43
N LEU A 332 -20.56 1.29 0.33
CA LEU A 332 -20.13 0.47 1.46
C LEU A 332 -18.67 0.12 1.29
N LEU A 333 -17.86 0.51 2.28
CA LEU A 333 -16.44 0.21 2.31
C LEU A 333 -16.25 -1.02 3.18
N PHE A 334 -15.78 -2.11 2.58
CA PHE A 334 -15.60 -3.37 3.26
C PHE A 334 -14.13 -3.52 3.68
N GLY A 335 -13.91 -3.99 4.90
CA GLY A 335 -12.56 -4.19 5.36
C GLY A 335 -12.51 -5.01 6.62
N VAL A 336 -11.47 -4.81 7.41
CA VAL A 336 -11.30 -5.51 8.67
C VAL A 336 -10.99 -4.49 9.75
N ALA A 337 -11.74 -4.55 10.84
CA ALA A 337 -11.44 -3.76 12.03
C ALA A 337 -10.65 -4.62 13.01
N SER A 338 -9.53 -4.09 13.49
CA SER A 338 -8.64 -4.84 14.36
C SER A 338 -8.31 -4.02 15.60
N GLN A 339 -7.95 -4.71 16.68
CA GLN A 339 -7.59 -4.06 17.92
C GLN A 339 -6.40 -4.76 18.55
N ARG A 340 -5.60 -3.97 19.27
CA ARG A 340 -4.53 -4.49 20.11
C ARG A 340 -4.58 -3.74 21.44
N ASN A 341 -4.75 -4.48 22.53
CA ASN A 341 -5.06 -3.85 23.80
C ASN A 341 -3.83 -3.19 24.44
N VAL A 342 -4.10 -2.09 25.13
CA VAL A 342 -3.20 -1.49 26.09
C VAL A 342 -3.93 -1.46 27.42
N GLY A 343 -3.17 -1.59 28.51
CA GLY A 343 -3.79 -1.58 29.83
C GLY A 343 -3.84 -2.93 30.52
N SER A 344 -5.05 -3.38 30.85
CA SER A 344 -5.21 -4.52 31.76
C SER A 344 -4.73 -5.83 31.13
N ASN A 345 -5.12 -6.08 29.89
CA ASN A 345 -4.77 -7.30 29.16
C ASN A 345 -3.92 -6.93 27.94
N PRO A 346 -2.71 -6.43 28.16
CA PRO A 346 -1.95 -5.82 27.07
C PRO A 346 -1.61 -6.85 25.99
N ASN A 347 -1.72 -6.41 24.74
CA ASN A 347 -1.36 -7.20 23.57
C ASN A 347 -2.33 -8.34 23.29
N THR A 348 -3.44 -8.45 24.00
CA THR A 348 -4.53 -9.25 23.46
C THR A 348 -5.06 -8.54 22.20
N THR A 349 -5.55 -9.33 21.27
CA THR A 349 -5.89 -8.80 19.95
C THR A 349 -7.18 -9.44 19.45
N ARG A 350 -7.77 -8.79 18.45
CA ARG A 350 -8.89 -9.36 17.70
C ARG A 350 -9.01 -8.59 16.40
N ALA A 351 -9.57 -9.25 15.38
CA ALA A 351 -9.80 -8.60 14.09
C ALA A 351 -10.94 -9.32 13.40
N HIS A 352 -11.85 -8.54 12.81
CA HIS A 352 -13.04 -9.10 12.18
C HIS A 352 -13.45 -8.25 10.99
N GLU A 353 -14.02 -8.90 9.98
CA GLU A 353 -14.56 -8.13 8.88
C GLU A 353 -15.59 -7.13 9.36
N ALA A 354 -15.60 -5.97 8.70
CA ALA A 354 -16.43 -4.85 9.12
C ALA A 354 -16.74 -4.00 7.89
N VAL A 355 -17.84 -3.25 7.97
CA VAL A 355 -18.28 -2.41 6.88
C VAL A 355 -18.51 -1.00 7.40
N VAL A 356 -17.92 -0.02 6.71
CA VAL A 356 -18.19 1.39 6.94
C VAL A 356 -19.08 1.87 5.80
N SER A 357 -20.30 2.26 6.12
CA SER A 357 -21.16 2.87 5.11
C SER A 357 -20.87 4.36 5.05
N THR A 358 -20.49 4.85 3.87
CA THR A 358 -20.20 6.28 3.76
C THR A 358 -21.47 7.11 3.59
N THR A 359 -22.65 6.50 3.56
CA THR A 359 -23.90 7.25 3.58
C THR A 359 -24.59 7.22 4.93
N SER A 360 -24.03 6.51 5.91
CA SER A 360 -24.65 6.42 7.23
C SER A 360 -24.74 7.79 7.89
N SER A 361 -25.79 7.97 8.70
CA SER A 361 -25.85 9.15 9.56
C SER A 361 -24.68 9.22 10.51
N GLN A 362 -24.01 8.08 10.74
CA GLN A 362 -22.87 8.03 11.65
C GLN A 362 -21.54 8.18 10.92
N PHE A 363 -21.57 8.38 9.60
CA PHE A 363 -20.34 8.68 8.86
C PHE A 363 -20.10 10.19 8.99
N VAL A 364 -19.35 10.56 10.01
CA VAL A 364 -19.07 11.98 10.29
C VAL A 364 -17.59 12.20 10.52
N PRO A 365 -16.72 11.77 9.60
CA PRO A 365 -15.29 11.84 9.85
C PRO A 365 -14.78 13.25 10.11
N LYS A 366 -15.37 14.27 9.48
CA LYS A 366 -14.97 15.65 9.74
C LYS A 366 -15.36 16.10 11.14
N LEU A 367 -16.35 15.47 11.76
CA LEU A 367 -16.68 15.69 13.16
C LEU A 367 -15.88 14.80 14.09
N GLY A 368 -15.09 13.88 13.55
CA GLY A 368 -14.18 13.07 14.33
C GLY A 368 -14.57 11.62 14.55
N SER A 369 -15.57 11.09 13.84
CA SER A 369 -15.92 9.69 14.07
C SER A 369 -16.60 9.08 12.86
N VAL A 370 -16.46 7.76 12.73
CA VAL A 370 -17.27 6.95 11.84
C VAL A 370 -17.73 5.74 12.63
N ASN A 371 -18.79 5.10 12.15
CA ASN A 371 -19.22 3.84 12.74
C ASN A 371 -19.02 2.72 11.73
N PHE A 372 -18.84 1.51 12.24
CA PHE A 372 -18.87 0.34 11.38
C PHE A 372 -19.83 -0.69 11.95
N GLY A 373 -20.32 -1.54 11.06
CA GLY A 373 -21.01 -2.73 11.47
C GLY A 373 -20.16 -3.97 11.26
N SER A 374 -20.49 -5.05 11.95
CA SER A 374 -19.74 -6.29 11.81
C SER A 374 -20.65 -7.46 12.14
N THR A 375 -20.37 -8.60 11.52
CA THR A 375 -21.04 -9.83 11.91
C THR A 375 -20.54 -10.33 13.26
N SER A 376 -19.36 -9.89 13.68
CA SER A 376 -18.82 -10.26 14.99
C SER A 376 -19.20 -9.21 16.03
N THR A 377 -19.49 -9.68 17.24
CA THR A 377 -19.67 -8.78 18.38
C THR A 377 -18.42 -8.69 19.24
N ASP A 378 -17.31 -9.29 18.80
CA ASP A 378 -16.08 -9.40 19.59
C ASP A 378 -15.19 -8.16 19.36
N PHE A 379 -15.67 -7.03 19.87
CA PHE A 379 -14.91 -5.78 19.90
C PHE A 379 -14.99 -5.17 21.29
N GLN A 380 -13.92 -4.48 21.69
CA GLN A 380 -13.85 -3.83 22.99
C GLN A 380 -13.81 -2.32 22.82
N LEU A 381 -14.31 -1.62 23.82
CA LEU A 381 -14.27 -0.16 23.83
C LEU A 381 -12.99 0.32 24.50
N GLN A 382 -12.57 1.51 24.13
CA GLN A 382 -11.42 2.20 24.75
C GLN A 382 -10.10 1.49 24.48
N GLN A 383 -10.00 0.77 23.35
CA GLN A 383 -8.79 0.08 22.95
C GLN A 383 -8.42 0.52 21.54
N PRO A 384 -7.13 0.67 21.26
CA PRO A 384 -6.69 1.13 19.94
C PRO A 384 -7.23 0.24 18.82
N THR A 385 -7.83 0.88 17.81
CA THR A 385 -8.53 0.21 16.74
C THR A 385 -8.06 0.74 15.40
N LYS A 386 -7.94 -0.15 14.42
CA LYS A 386 -7.63 0.20 13.05
C LYS A 386 -8.69 -0.39 12.13
N PHE A 387 -8.98 0.31 11.06
CA PHE A 387 -9.80 -0.22 9.98
C PHE A 387 -8.93 -0.31 8.74
N THR A 388 -8.70 -1.55 8.27
CA THR A 388 -7.94 -1.79 7.05
C THR A 388 -8.93 -2.01 5.92
N PRO A 389 -8.93 -1.18 4.87
CA PRO A 389 -9.88 -1.38 3.78
C PRO A 389 -9.45 -2.58 2.94
N VAL A 390 -10.43 -3.28 2.38
CA VAL A 390 -10.19 -4.38 1.47
C VAL A 390 -10.90 -4.21 0.14
N GLY A 391 -12.14 -3.71 0.17
CA GLY A 391 -12.86 -3.53 -1.07
C GLY A 391 -14.16 -2.80 -0.81
N ILE A 392 -15.10 -2.96 -1.74
CA ILE A 392 -16.42 -2.37 -1.61
C ILE A 392 -17.42 -3.50 -1.36
N LYS A 393 -18.69 -3.16 -1.28
CA LYS A 393 -19.76 -4.14 -1.11
C LYS A 393 -21.02 -3.51 -1.68
N ILE A 394 -21.80 -4.30 -2.42
CA ILE A 394 -23.07 -3.83 -2.98
C ILE A 394 -24.22 -4.50 -2.23
N GLU A 395 -25.19 -3.70 -1.80
CA GLU A 395 -26.47 -4.19 -1.29
C GLU A 395 -27.57 -3.30 -1.83
N SER A 396 -28.79 -3.83 -1.84
CA SER A 396 -29.95 -3.04 -2.23
C SER A 396 -30.03 -1.79 -1.36
N GLY A 397 -30.17 -0.64 -2.00
CA GLY A 397 -30.18 0.62 -1.30
C GLY A 397 -28.80 1.16 -0.96
N HIS A 398 -27.73 0.45 -1.34
CA HIS A 398 -26.36 0.87 -1.09
C HIS A 398 -25.54 0.66 -2.35
N GLU A 399 -25.96 1.28 -3.44
CA GLU A 399 -25.21 1.20 -4.68
C GLU A 399 -23.93 2.01 -4.54
N PHE A 400 -22.94 1.68 -5.37
CA PHE A 400 -21.61 2.28 -5.29
C PHE A 400 -21.50 3.38 -6.33
N ASP A 401 -21.26 4.61 -5.88
CA ASP A 401 -21.05 5.75 -6.79
C ASP A 401 -19.71 6.38 -6.48
N GLN A 402 -18.71 6.09 -7.31
CA GLN A 402 -17.36 6.53 -7.04
C GLN A 402 -17.19 8.04 -7.18
N TRP A 403 -18.14 8.75 -7.79
CA TRP A 403 -17.98 10.18 -8.05
C TRP A 403 -18.85 11.05 -7.16
N ALA A 404 -19.65 10.48 -6.27
CA ALA A 404 -20.46 11.24 -5.34
C ALA A 404 -19.71 11.29 -4.02
N LEU A 405 -19.25 12.47 -3.64
CA LEU A 405 -18.60 12.60 -2.35
C LEU A 405 -19.57 12.29 -1.23
N PRO A 406 -19.13 11.62 -0.17
CA PRO A 406 -19.99 11.49 1.01
C PRO A 406 -20.08 12.82 1.73
N ARG A 407 -20.99 12.86 2.71
CA ARG A 407 -21.17 14.05 3.55
C ARG A 407 -20.24 13.90 4.74
N TYR A 408 -19.11 14.58 4.71
CA TYR A 408 -18.08 14.35 5.70
C TYR A 408 -18.51 14.75 7.11
N SER A 409 -19.48 15.67 7.24
CA SER A 409 -20.04 16.05 8.53
C SER A 409 -21.43 15.50 8.77
N GLY A 410 -21.91 14.60 7.92
CA GLY A 410 -23.16 13.90 8.18
C GLY A 410 -24.36 14.47 7.45
N HIS A 411 -25.49 13.88 7.75
CA HIS A 411 -26.71 14.21 7.06
C HIS A 411 -27.07 15.68 7.28
N LEU A 412 -27.56 16.31 6.20
CA LEU A 412 -28.02 17.70 6.18
C LEU A 412 -26.89 18.71 6.20
N THR A 413 -25.63 18.27 6.12
CA THR A 413 -24.48 19.15 6.09
C THR A 413 -23.82 19.14 4.72
N LEU A 414 -23.14 20.22 4.39
CA LEU A 414 -22.42 20.35 3.14
C LEU A 414 -20.91 20.35 3.41
N ASN A 415 -20.15 19.94 2.41
CA ASN A 415 -18.71 19.77 2.57
C ASN A 415 -17.97 21.09 2.38
N MET A 416 -16.86 21.23 3.09
CA MET A 416 -16.04 22.44 3.04
CA MET A 416 -16.05 22.43 3.02
C MET A 416 -14.60 22.08 2.69
N ASN A 417 -13.85 23.08 2.25
CA ASN A 417 -12.42 22.96 2.01
C ASN A 417 -12.07 21.92 0.94
N LEU A 418 -12.96 21.69 -0.01
CA LEU A 418 -12.74 20.64 -1.01
C LEU A 418 -11.70 21.06 -2.03
N ALA A 419 -10.92 20.09 -2.51
CA ALA A 419 -10.19 20.30 -3.75
C ALA A 419 -11.20 20.53 -4.87
N PRO A 420 -10.92 21.40 -5.83
CA PRO A 420 -11.95 21.82 -6.79
C PRO A 420 -12.31 20.72 -7.77
N PRO A 421 -13.45 20.85 -8.44
CA PRO A 421 -13.81 19.89 -9.49
C PRO A 421 -12.86 20.00 -10.68
N ILE A 422 -12.77 18.91 -11.42
CA ILE A 422 -11.84 18.74 -12.53
C ILE A 422 -12.64 18.41 -13.79
N ALA A 423 -12.30 19.07 -14.90
CA ALA A 423 -12.96 18.77 -16.17
C ALA A 423 -12.06 19.22 -17.31
N PRO A 424 -12.17 18.62 -18.49
CA PRO A 424 -11.46 19.15 -19.65
C PRO A 424 -12.05 20.50 -20.01
N ASN A 425 -11.21 21.40 -20.50
CA ASN A 425 -11.65 22.73 -20.89
C ASN A 425 -11.17 23.05 -22.30
N PHE A 426 -11.14 22.04 -23.17
CA PHE A 426 -10.59 22.20 -24.49
C PHE A 426 -11.40 21.27 -25.38
N PRO A 427 -11.92 21.76 -26.51
CA PRO A 427 -12.77 20.93 -27.36
C PRO A 427 -12.03 19.66 -27.80
N GLY A 428 -12.76 18.55 -27.81
CA GLY A 428 -12.21 17.30 -28.26
C GLY A 428 -11.38 16.56 -27.24
N GLU A 429 -11.23 17.09 -26.03
CA GLU A 429 -10.45 16.42 -24.99
C GLU A 429 -11.34 15.74 -23.96
N GLN A 430 -10.83 14.64 -23.43
CA GLN A 430 -11.45 13.87 -22.37
C GLN A 430 -10.43 13.62 -21.26
N LEU A 431 -10.93 13.40 -20.05
CA LEU A 431 -10.05 12.96 -18.99
C LEU A 431 -9.52 11.56 -19.27
N LEU A 432 -8.30 11.32 -18.81
CA LEU A 432 -7.69 9.99 -18.81
C LEU A 432 -7.56 9.54 -17.36
N PHE A 433 -8.03 8.34 -17.06
CA PHE A 433 -8.02 7.78 -15.71
C PHE A 433 -7.11 6.56 -15.63
N PHE A 434 -6.52 6.40 -14.45
CA PHE A 434 -5.84 5.16 -14.05
C PHE A 434 -6.88 4.34 -13.30
N ARG A 435 -7.25 3.19 -13.86
CA ARG A 435 -8.43 2.44 -13.45
C ARG A 435 -8.01 1.17 -12.72
N SER A 436 -8.66 0.91 -11.59
CA SER A 436 -8.53 -0.35 -10.88
C SER A 436 -9.89 -1.02 -10.76
N ASN A 437 -9.89 -2.35 -10.77
CA ASN A 437 -11.07 -3.16 -10.46
C ASN A 437 -10.83 -3.78 -9.09
N VAL A 438 -11.43 -3.19 -8.05
CA VAL A 438 -11.11 -3.55 -6.68
C VAL A 438 -12.00 -4.69 -6.17
N PRO A 439 -11.62 -5.37 -5.09
CA PRO A 439 -12.46 -6.45 -4.57
C PRO A 439 -13.82 -5.94 -4.11
N CYS A 440 -14.80 -6.83 -4.15
CA CYS A 440 -16.15 -6.54 -3.70
C CYS A 440 -16.69 -7.72 -2.92
N ALA A 441 -17.27 -7.44 -1.76
CA ALA A 441 -17.78 -8.47 -0.86
C ALA A 441 -19.25 -8.75 -1.13
N GLY A 442 -19.55 -9.08 -2.37
CA GLY A 442 -20.91 -9.46 -2.72
C GLY A 442 -21.60 -8.40 -3.54
N GLY A 443 -22.43 -8.85 -4.48
CA GLY A 443 -23.14 -7.98 -5.39
C GLY A 443 -22.47 -7.94 -6.75
N VAL A 444 -23.27 -7.58 -7.75
CA VAL A 444 -22.75 -7.47 -9.10
C VAL A 444 -22.03 -6.13 -9.22
N SER A 445 -20.74 -6.18 -9.52
CA SER A 445 -19.95 -4.95 -9.58
C SER A 445 -18.65 -5.22 -10.33
N ASP A 446 -18.29 -4.31 -11.24
CA ASP A 446 -16.97 -4.34 -11.85
C ASP A 446 -15.88 -3.78 -10.94
N GLY A 447 -16.24 -3.27 -9.77
CA GLY A 447 -15.26 -2.74 -8.83
C GLY A 447 -14.48 -1.54 -9.30
N VAL A 448 -14.99 -0.77 -10.25
CA VAL A 448 -14.18 0.27 -10.87
C VAL A 448 -13.98 1.44 -9.92
N ILE A 449 -12.72 1.78 -9.67
CA ILE A 449 -12.32 3.02 -9.01
C ILE A 449 -11.25 3.66 -9.89
N ASP A 450 -11.54 4.86 -10.37
CA ASP A 450 -10.67 5.59 -11.28
C ASP A 450 -9.96 6.70 -10.51
N CYS A 451 -8.68 6.87 -10.75
CA CYS A 451 -7.96 8.00 -10.15
C CYS A 451 -7.32 8.87 -11.22
N LEU A 452 -7.02 10.11 -10.84
CA LEU A 452 -6.48 11.09 -11.77
C LEU A 452 -4.97 10.99 -11.89
N LEU A 453 -4.28 10.58 -10.82
CA LEU A 453 -2.84 10.40 -10.77
C LEU A 453 -2.58 9.15 -9.95
N PRO A 454 -1.64 8.31 -10.35
CA PRO A 454 -1.27 7.17 -9.49
C PRO A 454 -0.58 7.67 -8.24
N GLN A 455 -0.67 6.86 -7.18
CA GLN A 455 -0.09 7.26 -5.91
C GLN A 455 1.40 7.53 -6.03
N GLU A 456 2.11 6.75 -6.84
CA GLU A 456 3.55 6.94 -6.97
C GLU A 456 3.90 8.27 -7.63
N TRP A 457 3.05 8.76 -8.53
CA TRP A 457 3.31 10.08 -9.10
C TRP A 457 3.16 11.15 -8.05
N ILE A 458 2.13 11.04 -7.20
CA ILE A 458 1.95 11.98 -6.11
C ILE A 458 3.16 11.94 -5.18
N GLN A 459 3.63 10.74 -4.84
CA GLN A 459 4.79 10.61 -3.98
C GLN A 459 6.01 11.26 -4.63
N HIS A 460 6.16 11.09 -5.93
CA HIS A 460 7.27 11.67 -6.67
C HIS A 460 7.20 13.20 -6.68
N PHE A 461 6.02 13.75 -6.99
CA PHE A 461 5.88 15.21 -7.03
C PHE A 461 6.12 15.82 -5.66
N TYR A 462 5.67 15.14 -4.59
CA TYR A 462 5.90 15.66 -3.25
C TYR A 462 7.41 15.73 -2.95
N GLN A 463 8.17 14.72 -3.37
CA GLN A 463 9.61 14.73 -3.18
C GLN A 463 10.28 15.82 -4.02
N GLU A 464 9.95 15.88 -5.31
CA GLU A 464 10.69 16.72 -6.23
C GLU A 464 10.33 18.19 -6.10
N SER A 465 9.05 18.50 -5.94
CA SER A 465 8.56 19.88 -5.88
C SER A 465 9.16 20.74 -6.99
N ALA A 466 9.15 20.21 -8.20
CA ALA A 466 9.70 20.97 -9.32
C ALA A 466 8.73 22.08 -9.70
N PRO A 467 9.21 23.32 -9.88
CA PRO A 467 8.29 24.39 -10.25
C PRO A 467 7.61 24.13 -11.57
N SER A 468 6.32 24.43 -11.62
CA SER A 468 5.56 24.28 -12.87
C SER A 468 5.79 25.52 -13.73
N GLN A 469 6.22 25.32 -14.97
CA GLN A 469 6.58 26.44 -15.84
C GLN A 469 5.41 26.94 -16.69
N SER A 470 4.32 26.19 -16.76
CA SER A 470 3.10 26.63 -17.42
C SER A 470 1.95 25.87 -16.78
N ASP A 471 0.75 26.06 -17.31
CA ASP A 471 -0.41 25.32 -16.82
C ASP A 471 -0.49 23.89 -17.32
N VAL A 472 0.34 23.50 -18.30
CA VAL A 472 0.19 22.20 -18.94
C VAL A 472 1.55 21.63 -19.27
N ALA A 473 1.83 20.43 -18.78
CA ALA A 473 3.01 19.66 -19.17
C ALA A 473 2.60 18.67 -20.25
N LEU A 474 3.21 18.77 -21.42
CA LEU A 474 3.00 17.78 -22.46
C LEU A 474 3.75 16.51 -22.09
N ILE A 475 3.04 15.38 -22.10
CA ILE A 475 3.64 14.09 -21.77
C ILE A 475 3.39 13.13 -22.91
N ARG A 476 4.31 12.18 -23.09
CA ARG A 476 4.27 11.20 -24.16
C ARG A 476 4.28 9.80 -23.55
N TYR A 477 3.34 8.95 -23.99
CA TYR A 477 3.38 7.55 -23.61
C TYR A 477 4.31 6.83 -24.58
N VAL A 478 5.30 6.12 -24.05
CA VAL A 478 6.34 5.54 -24.88
C VAL A 478 6.41 4.02 -24.67
N ASN A 479 6.80 3.33 -25.74
CA ASN A 479 7.24 1.94 -25.65
C ASN A 479 8.76 1.97 -25.56
N PRO A 480 9.35 1.62 -24.41
CA PRO A 480 10.82 1.76 -24.29
C PRO A 480 11.60 0.78 -25.14
N ASP A 481 10.98 -0.33 -25.58
CA ASP A 481 11.70 -1.30 -26.40
C ASP A 481 11.89 -0.77 -27.82
N THR A 482 10.82 -0.24 -28.42
CA THR A 482 10.90 0.29 -29.77
C THR A 482 11.28 1.76 -29.80
N GLY A 483 11.16 2.46 -28.67
CA GLY A 483 11.38 3.88 -28.60
C GLY A 483 10.26 4.73 -29.17
N ARG A 484 9.19 4.12 -29.67
CA ARG A 484 8.12 4.87 -30.31
C ARG A 484 7.25 5.58 -29.27
N THR A 485 6.81 6.79 -29.63
CA THR A 485 5.77 7.46 -28.87
C THR A 485 4.43 6.93 -29.35
N LEU A 486 3.62 6.45 -28.39
CA LEU A 486 2.35 5.83 -28.72
C LEU A 486 1.19 6.82 -28.73
N PHE A 487 1.21 7.83 -27.86
CA PHE A 487 0.25 8.90 -27.89
C PHE A 487 0.78 10.03 -27.02
N GLU A 488 0.17 11.20 -27.16
CA GLU A 488 0.50 12.34 -26.31
C GLU A 488 -0.71 12.74 -25.48
N ALA A 489 -0.42 13.40 -24.37
CA ALA A 489 -1.45 13.81 -23.42
C ALA A 489 -1.01 15.10 -22.75
N LYS A 490 -1.99 15.80 -22.18
CA LYS A 490 -1.74 17.00 -21.38
C LYS A 490 -1.82 16.64 -19.89
N LEU A 491 -0.76 16.93 -19.16
CA LEU A 491 -0.75 16.78 -17.71
C LEU A 491 -0.88 18.17 -17.10
N HIS A 492 -2.03 18.45 -16.51
CA HIS A 492 -2.36 19.79 -16.07
C HIS A 492 -1.75 20.09 -14.70
N ARG A 493 -1.39 21.37 -14.51
CA ARG A 493 -0.73 21.82 -13.29
C ARG A 493 -1.46 21.37 -12.03
N THR A 494 -2.79 21.37 -12.07
CA THR A 494 -3.59 21.00 -10.90
C THR A 494 -3.70 19.49 -10.70
N GLY A 495 -3.09 18.68 -11.57
CA GLY A 495 -2.94 17.24 -11.32
C GLY A 495 -3.96 16.34 -11.96
N TYR A 496 -4.08 16.39 -13.29
CA TYR A 496 -4.96 15.47 -14.03
C TYR A 496 -4.51 15.47 -15.48
N ILE A 497 -4.96 14.47 -16.22
CA ILE A 497 -4.52 14.23 -17.60
C ILE A 497 -5.72 14.33 -18.53
N THR A 498 -5.53 14.98 -19.67
CA THR A 498 -6.50 14.91 -20.76
C THR A 498 -5.85 14.36 -22.02
N VAL A 499 -6.67 13.75 -22.85
CA VAL A 499 -6.28 13.22 -24.15
C VAL A 499 -7.31 13.67 -25.18
N ALA A 500 -6.89 13.68 -26.45
CA ALA A 500 -7.79 14.01 -27.56
C ALA A 500 -8.43 12.70 -28.05
N HIS A 501 -9.67 12.49 -27.66
CA HIS A 501 -10.40 11.28 -28.03
C HIS A 501 -11.88 11.55 -27.83
N SER A 502 -12.71 10.84 -28.60
CA SER A 502 -14.15 10.99 -28.51
C SER A 502 -14.79 9.62 -28.24
N GLY A 503 -15.27 9.44 -27.01
CA GLY A 503 -15.95 8.20 -26.64
C GLY A 503 -15.25 7.48 -25.50
N ASP A 504 -16.00 6.65 -24.78
CA ASP A 504 -15.39 5.76 -23.80
C ASP A 504 -14.40 4.85 -24.50
N TYR A 505 -13.23 4.67 -23.92
CA TYR A 505 -12.22 3.84 -24.56
C TYR A 505 -11.22 3.29 -23.55
N PRO A 506 -11.17 1.97 -23.35
CA PRO A 506 -10.06 1.36 -22.59
C PRO A 506 -8.84 1.33 -23.49
N LEU A 507 -7.78 1.99 -23.07
CA LEU A 507 -6.62 2.15 -23.95
C LEU A 507 -5.92 0.81 -24.17
N VAL A 508 -5.51 0.58 -25.42
CA VAL A 508 -4.75 -0.61 -25.80
C VAL A 508 -3.29 -0.19 -25.89
N VAL A 509 -2.51 -0.53 -24.86
CA VAL A 509 -1.11 -0.11 -24.74
C VAL A 509 -0.28 -1.31 -24.29
N PRO A 510 0.99 -1.32 -24.67
CA PRO A 510 1.86 -2.45 -24.29
C PRO A 510 2.18 -2.44 -22.80
N SER A 511 2.40 -3.63 -22.24
CA SER A 511 2.62 -3.73 -20.80
C SER A 511 3.89 -3.03 -20.34
N ASN A 512 4.83 -2.78 -21.24
CA ASN A 512 6.08 -2.12 -20.87
C ASN A 512 6.00 -0.60 -20.97
N GLY A 513 4.85 -0.05 -21.35
CA GLY A 513 4.78 1.37 -21.67
C GLY A 513 4.68 2.26 -20.44
N TYR A 514 5.06 3.52 -20.60
CA TYR A 514 4.93 4.48 -19.52
C TYR A 514 5.01 5.89 -20.09
N PHE A 515 4.54 6.86 -19.29
CA PHE A 515 4.58 8.27 -19.67
C PHE A 515 5.93 8.89 -19.34
N ARG A 516 6.35 9.82 -20.21
CA ARG A 516 7.57 10.62 -20.04
C ARG A 516 7.20 12.08 -20.24
N PHE A 517 7.76 12.95 -19.40
CA PHE A 517 7.57 14.39 -19.57
C PHE A 517 8.30 14.84 -20.83
N ASP A 518 7.61 15.64 -21.65
CA ASP A 518 8.19 16.22 -22.86
C ASP A 518 8.57 17.69 -22.67
N SER A 519 7.60 18.55 -22.38
CA SER A 519 7.85 19.98 -22.37
C SER A 519 6.64 20.67 -21.78
N TRP A 520 6.83 21.92 -21.36
CA TRP A 520 5.71 22.77 -20.92
C TRP A 520 5.13 23.46 -22.14
N VAL A 521 3.80 23.44 -22.26
CA VAL A 521 3.12 24.02 -23.41
C VAL A 521 2.11 25.07 -22.97
N ASN A 522 1.63 25.86 -23.95
CA ASN A 522 0.74 26.98 -23.68
C ASN A 522 -0.72 26.52 -23.77
N GLN A 523 -1.65 27.49 -23.71
CA GLN A 523 -3.07 27.21 -23.69
C GLN A 523 -3.67 26.98 -25.07
N PHE A 524 -2.87 27.14 -26.12
CA PHE A 524 -3.33 26.92 -27.49
C PHE A 524 -2.92 25.56 -28.03
N TYR A 525 -2.27 24.73 -27.22
CA TYR A 525 -1.69 23.49 -27.72
C TYR A 525 -2.78 22.46 -28.01
N SER A 526 -2.81 21.99 -29.25
CA SER A 526 -3.74 20.98 -29.70
C SER A 526 -3.02 19.63 -29.68
N LEU A 527 -3.58 18.67 -28.97
CA LEU A 527 -3.01 17.32 -28.92
C LEU A 527 -3.25 16.59 -30.22
N ALA A 528 -2.30 15.75 -30.60
CA ALA A 528 -2.54 14.80 -31.67
C ALA A 528 -3.64 13.84 -31.24
N PRO A 529 -4.61 13.54 -32.12
CA PRO A 529 -5.65 12.57 -31.77
C PRO A 529 -5.04 11.25 -31.30
N MET A 530 -5.63 10.71 -30.23
CA MET A 530 -5.25 9.40 -29.69
C MET A 530 -6.33 8.37 -29.99
N PRO B 226 23.84 11.15 -8.47
CA PRO B 226 24.32 11.05 -7.09
C PRO B 226 23.30 10.35 -6.19
N PHE B 227 23.79 9.46 -5.34
CA PHE B 227 22.92 8.67 -4.48
C PHE B 227 22.18 9.59 -3.50
N SER B 228 20.95 9.20 -3.16
CA SER B 228 20.15 9.97 -2.22
C SER B 228 19.10 9.07 -1.58
N LEU B 229 18.57 9.55 -0.46
CA LEU B 229 17.41 8.98 0.19
C LEU B 229 16.24 9.92 0.01
N PRO B 230 15.00 9.42 -0.09
CA PRO B 230 13.85 10.31 -0.10
C PRO B 230 13.72 10.97 1.27
N ILE B 231 13.04 12.10 1.30
CA ILE B 231 12.80 12.85 2.53
C ILE B 231 11.43 12.47 3.05
N LEU B 232 11.40 11.56 4.01
CA LEU B 232 10.17 10.99 4.54
C LEU B 232 10.35 10.73 6.03
N THR B 233 9.43 11.25 6.84
CA THR B 233 9.43 10.95 8.26
C THR B 233 8.93 9.52 8.50
N ILE B 234 9.06 9.07 9.74
CA ILE B 234 8.67 7.70 10.10
CA ILE B 234 8.69 7.70 10.08
C ILE B 234 7.23 7.43 9.72
N SER B 235 6.36 8.38 9.96
CA SER B 235 4.95 8.11 9.66
C SER B 235 4.61 8.30 8.19
N GLU B 236 5.59 8.65 7.35
CA GLU B 236 5.44 8.68 5.91
C GLU B 236 6.11 7.48 5.25
N LEU B 237 6.44 6.45 6.02
CA LEU B 237 7.13 5.27 5.52
C LEU B 237 6.27 4.03 5.68
N THR B 238 6.43 3.11 4.72
CA THR B 238 5.73 1.83 4.68
C THR B 238 6.73 0.70 4.92
N ASN B 239 6.31 -0.28 5.70
CA ASN B 239 7.10 -1.50 5.87
C ASN B 239 7.21 -2.25 4.54
N SER B 240 8.39 -2.78 4.25
CA SER B 240 8.60 -3.52 3.02
C SER B 240 8.30 -5.00 3.18
N ARG B 241 7.97 -5.45 4.39
CA ARG B 241 7.65 -6.84 4.64
C ARG B 241 6.19 -7.06 5.00
N PHE B 242 5.42 -6.00 5.16
CA PHE B 242 3.99 -6.12 5.40
C PHE B 242 3.37 -4.78 5.04
N PRO B 243 2.17 -4.75 4.46
CA PRO B 243 1.58 -3.46 4.10
C PRO B 243 1.07 -2.71 5.31
N ALA B 244 1.97 -1.95 5.95
CA ALA B 244 1.65 -1.25 7.18
C ALA B 244 2.59 -0.06 7.29
N PRO B 245 2.15 1.02 7.90
CA PRO B 245 3.07 2.12 8.19
C PRO B 245 4.14 1.68 9.16
N ILE B 246 5.31 2.32 9.08
CA ILE B 246 6.33 2.13 10.10
C ILE B 246 5.86 2.82 11.38
N ASP B 247 6.02 2.13 12.51
CA ASP B 247 5.67 2.67 13.81
C ASP B 247 6.85 3.21 14.60
N SER B 248 8.04 2.64 14.43
CA SER B 248 9.17 3.03 15.25
C SER B 248 10.45 2.50 14.60
N LEU B 249 11.59 2.94 15.14
CA LEU B 249 12.90 2.40 14.78
C LEU B 249 13.42 1.61 15.96
N PHE B 250 14.08 0.48 15.69
CA PHE B 250 14.51 -0.42 16.76
C PHE B 250 15.86 -0.99 16.41
N THR B 251 16.80 -0.96 17.35
CA THR B 251 18.05 -1.69 17.18
C THR B 251 18.09 -2.87 18.12
N ALA B 252 18.55 -4.02 17.61
CA ALA B 252 18.46 -5.28 18.35
C ALA B 252 19.83 -5.73 18.83
N GLN B 253 19.88 -6.22 20.06
CA GLN B 253 21.05 -6.92 20.54
C GLN B 253 21.39 -8.08 19.62
N ASN B 254 22.69 -8.25 19.37
CA ASN B 254 23.14 -9.38 18.58
C ASN B 254 23.03 -10.66 19.38
N ASN B 255 22.46 -11.69 18.74
CA ASN B 255 22.30 -12.99 19.37
C ASN B 255 22.36 -14.10 18.33
N ASN B 256 23.21 -13.94 17.32
CA ASN B 256 23.38 -14.93 16.25
C ASN B 256 22.07 -15.26 15.54
N LEU B 257 21.21 -14.28 15.40
CA LEU B 257 19.98 -14.45 14.63
C LEU B 257 20.31 -14.50 13.14
N ASN B 258 19.68 -15.43 12.42
CA ASN B 258 19.79 -15.46 10.96
C ASN B 258 18.72 -14.54 10.39
N VAL B 259 19.13 -13.33 9.99
CA VAL B 259 18.26 -12.38 9.35
C VAL B 259 18.37 -12.61 7.85
N GLN B 260 17.33 -13.16 7.26
CA GLN B 260 17.37 -13.55 5.85
C GLN B 260 16.02 -13.30 5.19
N CYS B 261 15.40 -12.18 5.50
CA CYS B 261 14.12 -11.87 4.91
C CYS B 261 14.28 -11.73 3.40
N GLN B 262 13.20 -12.01 2.68
CA GLN B 262 13.21 -12.00 1.22
C GLN B 262 12.40 -10.88 0.61
N ASN B 263 11.41 -10.36 1.33
CA ASN B 263 10.81 -9.09 0.97
C ASN B 263 11.63 -7.97 1.61
N GLY B 264 11.53 -6.78 1.02
CA GLY B 264 12.30 -5.66 1.53
C GLY B 264 13.79 -5.80 1.31
N ARG B 265 14.20 -6.39 0.19
CA ARG B 265 15.61 -6.60 -0.14
C ARG B 265 15.92 -5.84 -1.43
N CYS B 266 16.91 -4.95 -1.36
CA CYS B 266 17.24 -4.11 -2.50
C CYS B 266 18.65 -3.56 -2.28
N THR B 267 19.47 -3.55 -3.33
CA THR B 267 20.76 -2.89 -3.23
C THR B 267 20.60 -1.37 -3.35
N LEU B 268 21.64 -0.65 -2.95
CA LEU B 268 21.58 0.80 -3.00
C LEU B 268 21.56 1.32 -4.43
N ASP B 269 22.00 0.52 -5.40
CA ASP B 269 21.91 0.93 -6.80
C ASP B 269 20.64 0.45 -7.47
N GLY B 270 19.67 -0.05 -6.70
CA GLY B 270 18.35 -0.27 -7.22
C GLY B 270 18.03 -1.66 -7.75
N GLU B 271 18.79 -2.67 -7.37
CA GLU B 271 18.51 -4.05 -7.78
C GLU B 271 17.65 -4.71 -6.71
N LEU B 272 16.38 -4.99 -7.03
CA LEU B 272 15.50 -5.73 -6.14
CA LEU B 272 15.54 -5.70 -6.09
C LEU B 272 16.00 -7.16 -6.00
N GLN B 273 15.88 -7.73 -4.81
CA GLN B 273 16.36 -9.09 -4.54
C GLN B 273 15.30 -9.92 -3.84
N GLY B 274 15.56 -11.22 -3.73
CA GLY B 274 14.64 -12.10 -3.03
C GLY B 274 13.30 -12.16 -3.74
N THR B 275 12.22 -11.92 -2.98
CA THR B 275 10.87 -11.86 -3.53
C THR B 275 10.36 -10.43 -3.62
N THR B 276 11.26 -9.46 -3.60
CA THR B 276 10.86 -8.06 -3.47
C THR B 276 10.31 -7.53 -4.79
N GLN B 277 9.16 -6.86 -4.70
CA GLN B 277 8.57 -6.14 -5.82
C GLN B 277 8.23 -4.72 -5.33
N LEU B 278 7.68 -3.89 -6.21
CA LEU B 278 7.60 -2.46 -5.93
C LEU B 278 6.34 -2.01 -5.20
N LEU B 279 5.24 -2.76 -5.28
CA LEU B 279 3.95 -2.24 -4.79
C LEU B 279 3.74 -2.58 -3.32
N PRO B 280 3.40 -1.62 -2.45
CA PRO B 280 2.89 -2.01 -1.13
C PRO B 280 1.75 -3.01 -1.21
N SER B 281 0.87 -2.90 -2.20
CA SER B 281 -0.24 -3.83 -2.32
CA SER B 281 -0.25 -3.81 -2.37
C SER B 281 0.17 -5.20 -2.83
N GLY B 282 1.43 -5.39 -3.18
CA GLY B 282 1.88 -6.72 -3.55
C GLY B 282 2.50 -7.49 -2.40
N ILE B 283 2.84 -6.81 -1.30
CA ILE B 283 3.54 -7.46 -0.20
C ILE B 283 2.58 -8.40 0.52
N CYS B 284 2.91 -9.69 0.55
CA CYS B 284 2.08 -10.72 1.21
C CYS B 284 0.73 -10.90 0.54
N ALA B 285 0.61 -10.53 -0.73
CA ALA B 285 -0.61 -10.73 -1.49
C ALA B 285 -0.45 -11.89 -2.47
N PHE B 286 -1.58 -12.47 -2.88
CA PHE B 286 -1.60 -13.52 -3.88
C PHE B 286 -2.67 -13.24 -4.92
N ARG B 287 -2.43 -13.75 -6.12
CA ARG B 287 -3.40 -13.63 -7.21
C ARG B 287 -3.40 -14.95 -7.95
N GLY B 288 -4.57 -15.34 -8.45
CA GLY B 288 -4.66 -16.56 -9.24
C GLY B 288 -6.10 -17.01 -9.39
N ARG B 289 -6.31 -18.32 -9.35
CA ARG B 289 -7.68 -18.80 -9.38
C ARG B 289 -7.75 -20.09 -8.57
N LEU B 290 -8.92 -20.36 -8.01
CA LEU B 290 -9.10 -21.60 -7.26
C LEU B 290 -9.35 -22.73 -8.23
N THR B 291 -8.58 -23.79 -8.11
CA THR B 291 -8.72 -24.91 -9.01
C THR B 291 -9.13 -26.20 -8.31
N ALA B 292 -9.20 -26.19 -6.99
CA ALA B 292 -9.65 -27.37 -6.27
C ALA B 292 -10.14 -26.97 -4.89
N ASP B 293 -11.09 -27.75 -4.39
CA ASP B 293 -11.59 -27.68 -3.03
C ASP B 293 -11.20 -29.00 -2.38
N VAL B 294 -10.27 -28.97 -1.44
CA VAL B 294 -9.76 -30.19 -0.82
C VAL B 294 -10.30 -30.33 0.60
N ASP B 295 -11.52 -29.86 0.81
CA ASP B 295 -12.24 -29.98 2.07
C ASP B 295 -12.07 -31.38 2.64
N GLY B 296 -11.68 -31.46 3.92
CA GLY B 296 -11.46 -32.72 4.59
C GLY B 296 -10.04 -33.25 4.50
N SER B 297 -9.35 -33.01 3.38
CA SER B 297 -7.97 -33.44 3.28
C SER B 297 -7.00 -32.42 3.86
N HIS B 298 -7.35 -31.15 3.81
CA HIS B 298 -6.50 -30.09 4.33
C HIS B 298 -7.39 -29.03 4.96
N ASP B 299 -7.00 -28.59 6.16
CA ASP B 299 -7.75 -27.54 6.83
C ASP B 299 -7.88 -26.32 5.92
N ASP B 300 -6.82 -26.02 5.19
CA ASP B 300 -6.81 -24.96 4.16
C ASP B 300 -7.39 -25.55 2.89
N ARG B 301 -8.72 -25.51 2.78
CA ARG B 301 -9.43 -26.28 1.77
C ARG B 301 -9.32 -25.70 0.36
N TRP B 302 -9.00 -24.41 0.23
CA TRP B 302 -9.08 -23.76 -1.08
C TRP B 302 -7.70 -23.74 -1.73
N HIS B 303 -7.59 -24.41 -2.86
CA HIS B 303 -6.32 -24.55 -3.57
C HIS B 303 -6.23 -23.44 -4.62
N MET B 304 -5.29 -22.52 -4.43
CA MET B 304 -5.15 -21.36 -5.28
C MET B 304 -3.95 -21.51 -6.20
N GLN B 305 -4.22 -21.71 -7.48
CA GLN B 305 -3.19 -21.79 -8.50
C GLN B 305 -2.77 -20.36 -8.82
N LEU B 306 -1.50 -20.05 -8.59
CA LEU B 306 -1.03 -18.67 -8.62
C LEU B 306 -0.70 -18.18 -10.03
N THR B 307 -0.95 -16.90 -10.24
CA THR B 307 -0.24 -16.14 -11.26
C THR B 307 0.73 -15.22 -10.55
N ASN B 308 1.55 -14.52 -11.33
CA ASN B 308 2.26 -13.41 -10.73
C ASN B 308 1.25 -12.32 -10.35
N LEU B 309 1.67 -11.43 -9.44
CA LEU B 309 0.76 -10.41 -8.97
C LEU B 309 0.24 -9.52 -10.09
N ASN B 310 1.05 -9.32 -11.13
CA ASN B 310 0.61 -8.50 -12.25
C ASN B 310 -0.27 -9.25 -13.23
N GLY B 311 -0.59 -10.51 -12.97
CA GLY B 311 -1.48 -11.28 -13.81
C GLY B 311 -0.79 -12.15 -14.83
N THR B 312 0.51 -11.94 -15.07
CA THR B 312 1.23 -12.79 -15.99
C THR B 312 1.41 -14.18 -15.39
N PRO B 313 1.58 -15.21 -16.22
CA PRO B 313 1.60 -16.57 -15.69
C PRO B 313 2.80 -16.81 -14.81
N PHE B 314 2.59 -17.65 -13.80
CA PHE B 314 3.70 -18.09 -12.97
C PHE B 314 4.68 -18.91 -13.80
N ASP B 315 5.96 -18.68 -13.57
CA ASP B 315 7.04 -19.42 -14.23
C ASP B 315 7.93 -20.04 -13.17
N PRO B 316 7.83 -21.34 -12.91
CA PRO B 316 8.66 -21.94 -11.85
C PRO B 316 10.14 -21.93 -12.14
N THR B 317 10.56 -21.69 -13.38
CA THR B 317 11.98 -21.74 -13.72
C THR B 317 12.73 -20.46 -13.40
N GLU B 318 12.04 -19.40 -13.00
CA GLU B 318 12.72 -18.16 -12.64
C GLU B 318 13.69 -18.40 -11.48
N ASP B 319 14.82 -17.71 -11.52
CA ASP B 319 15.81 -17.80 -10.44
C ASP B 319 15.43 -16.87 -9.28
N VAL B 320 14.23 -17.13 -8.73
CA VAL B 320 13.76 -16.48 -7.52
C VAL B 320 13.37 -17.57 -6.54
N PRO B 321 13.29 -17.24 -5.25
CA PRO B 321 12.89 -18.26 -4.26
C PRO B 321 11.41 -18.63 -4.32
N ALA B 322 10.56 -17.75 -4.83
CA ALA B 322 9.12 -17.87 -4.82
C ALA B 322 8.57 -16.69 -5.62
N PRO B 323 7.30 -16.69 -5.98
CA PRO B 323 6.73 -15.54 -6.70
C PRO B 323 6.94 -14.27 -5.88
N LEU B 324 7.10 -13.16 -6.59
CA LEU B 324 7.34 -11.90 -5.90
C LEU B 324 6.15 -11.56 -5.00
N GLY B 325 6.46 -11.05 -3.81
CA GLY B 325 5.47 -10.70 -2.82
C GLY B 325 5.15 -11.79 -1.82
N THR B 326 5.55 -13.03 -2.08
CA THR B 326 5.22 -14.13 -1.17
C THR B 326 5.66 -13.80 0.26
N PRO B 327 4.87 -14.13 1.27
CA PRO B 327 5.33 -13.91 2.65
C PRO B 327 6.65 -14.61 2.94
N ASP B 328 7.48 -13.98 3.81
CA ASP B 328 8.80 -14.49 4.14
C ASP B 328 8.92 -14.80 5.63
N PHE B 329 7.82 -15.18 6.27
CA PHE B 329 7.82 -15.50 7.69
C PHE B 329 7.06 -16.79 7.94
N THR B 330 7.20 -17.31 9.15
CA THR B 330 6.53 -18.54 9.59
C THR B 330 5.35 -18.17 10.48
N GLY B 331 4.15 -18.57 10.08
CA GLY B 331 2.98 -18.30 10.90
C GLY B 331 1.72 -18.24 10.05
N LEU B 332 0.69 -17.65 10.64
CA LEU B 332 -0.61 -17.55 10.01
C LEU B 332 -0.80 -16.14 9.48
N LEU B 333 -1.00 -16.04 8.17
CA LEU B 333 -1.24 -14.78 7.49
C LEU B 333 -2.75 -14.63 7.34
N PHE B 334 -3.31 -13.63 8.02
CA PHE B 334 -4.74 -13.38 8.03
C PHE B 334 -5.08 -12.30 7.00
N GLY B 335 -6.14 -12.54 6.24
CA GLY B 335 -6.56 -11.54 5.29
C GLY B 335 -7.94 -11.82 4.76
N VAL B 336 -8.20 -11.39 3.54
CA VAL B 336 -9.49 -11.59 2.88
C VAL B 336 -9.23 -12.14 1.49
N ALA B 337 -9.88 -13.25 1.16
CA ALA B 337 -9.87 -13.76 -0.20
C ALA B 337 -11.14 -13.29 -0.91
N SER B 338 -10.99 -12.83 -2.15
CA SER B 338 -12.10 -12.27 -2.89
C SER B 338 -12.11 -12.82 -4.30
N GLN B 339 -13.29 -12.76 -4.92
CA GLN B 339 -13.46 -13.24 -6.29
C GLN B 339 -14.38 -12.31 -7.05
N ARG B 340 -14.14 -12.21 -8.37
CA ARG B 340 -15.05 -11.54 -9.29
C ARG B 340 -15.17 -12.44 -10.50
N ASN B 341 -16.39 -12.85 -10.81
CA ASN B 341 -16.59 -13.91 -11.80
C ASN B 341 -16.36 -13.42 -13.21
N VAL B 342 -15.84 -14.32 -14.03
CA VAL B 342 -15.75 -14.16 -15.47
C VAL B 342 -16.40 -15.38 -16.09
N GLY B 343 -17.10 -15.19 -17.20
CA GLY B 343 -17.82 -16.29 -17.82
C GLY B 343 -19.17 -16.57 -17.18
N SER B 344 -19.22 -17.52 -16.25
CA SER B 344 -20.48 -17.84 -15.58
C SER B 344 -20.83 -16.75 -14.58
N ASN B 345 -22.01 -16.15 -14.73
CA ASN B 345 -22.49 -15.10 -13.83
C ASN B 345 -21.47 -13.98 -13.71
N PRO B 346 -21.15 -13.30 -14.81
CA PRO B 346 -20.03 -12.35 -14.81
C PRO B 346 -20.27 -11.20 -13.85
N ASN B 347 -19.19 -10.80 -13.17
CA ASN B 347 -19.19 -9.68 -12.23
C ASN B 347 -19.97 -9.94 -10.95
N THR B 348 -20.47 -11.16 -10.72
CA THR B 348 -20.83 -11.51 -9.35
C THR B 348 -19.54 -11.61 -8.53
N THR B 349 -19.67 -11.33 -7.24
CA THR B 349 -18.49 -11.18 -6.40
C THR B 349 -18.75 -11.81 -5.04
N ARG B 350 -17.64 -12.06 -4.32
CA ARG B 350 -17.69 -12.47 -2.93
C ARG B 350 -16.32 -12.22 -2.31
N ALA B 351 -16.31 -12.00 -1.00
CA ALA B 351 -15.06 -11.84 -0.27
C ALA B 351 -15.29 -12.23 1.17
N HIS B 352 -14.32 -12.96 1.76
CA HIS B 352 -14.46 -13.49 3.11
C HIS B 352 -13.09 -13.56 3.76
N GLU B 353 -13.08 -13.45 5.08
CA GLU B 353 -11.87 -13.68 5.86
C GLU B 353 -11.25 -15.02 5.49
N ALA B 354 -9.93 -15.04 5.38
CA ALA B 354 -9.21 -16.24 4.98
C ALA B 354 -7.83 -16.21 5.62
N VAL B 355 -7.25 -17.38 5.81
CA VAL B 355 -5.93 -17.52 6.44
C VAL B 355 -5.05 -18.38 5.56
N VAL B 356 -3.85 -17.89 5.28
CA VAL B 356 -2.80 -18.68 4.64
C VAL B 356 -1.80 -19.07 5.72
N SER B 357 -1.66 -20.36 6.00
CA SER B 357 -0.62 -20.84 6.90
C SER B 357 0.65 -21.04 6.10
N THR B 358 1.71 -20.33 6.47
CA THR B 358 2.95 -20.49 5.73
C THR B 358 3.72 -21.73 6.13
N THR B 359 3.24 -22.51 7.10
CA THR B 359 3.83 -23.80 7.43
C THR B 359 3.04 -24.98 6.88
N SER B 360 1.93 -24.73 6.19
CA SER B 360 1.10 -25.79 5.65
C SER B 360 1.85 -26.60 4.62
N SER B 361 1.55 -27.90 4.55
CA SER B 361 2.04 -28.73 3.45
C SER B 361 1.57 -28.21 2.11
N GLN B 362 0.51 -27.40 2.10
CA GLN B 362 -0.03 -26.82 0.87
C GLN B 362 0.54 -25.44 0.56
N PHE B 363 1.44 -24.94 1.40
CA PHE B 363 2.13 -23.68 1.11
C PHE B 363 3.31 -24.03 0.20
N VAL B 364 3.08 -24.00 -1.11
CA VAL B 364 4.11 -24.35 -2.08
C VAL B 364 4.17 -23.30 -3.18
N PRO B 365 4.34 -22.02 -2.81
CA PRO B 365 4.27 -20.97 -3.83
C PRO B 365 5.31 -21.13 -4.93
N LYS B 366 6.50 -21.64 -4.62
CA LYS B 366 7.51 -21.85 -5.67
C LYS B 366 7.09 -22.95 -6.63
N LEU B 367 6.21 -23.87 -6.21
CA LEU B 367 5.62 -24.85 -7.10
C LEU B 367 4.39 -24.31 -7.83
N GLY B 368 3.93 -23.11 -7.46
CA GLY B 368 2.83 -22.47 -8.15
C GLY B 368 1.50 -22.44 -7.44
N SER B 369 1.43 -22.80 -6.16
CA SER B 369 0.13 -22.73 -5.50
C SER B 369 0.29 -22.51 -4.01
N VAL B 370 -0.73 -21.92 -3.41
CA VAL B 370 -0.90 -21.93 -1.97
C VAL B 370 -2.36 -22.28 -1.72
N ASN B 371 -2.64 -22.76 -0.52
CA ASN B 371 -4.02 -22.94 -0.09
C ASN B 371 -4.35 -21.92 0.99
N PHE B 372 -5.63 -21.56 1.07
CA PHE B 372 -6.12 -20.77 2.19
C PHE B 372 -7.31 -21.50 2.81
N GLY B 373 -7.50 -21.28 4.10
CA GLY B 373 -8.68 -21.74 4.79
C GLY B 373 -9.63 -20.58 5.03
N SER B 374 -10.91 -20.91 5.21
CA SER B 374 -11.90 -19.91 5.53
CA SER B 374 -11.90 -19.92 5.54
C SER B 374 -13.01 -20.58 6.33
N THR B 375 -13.62 -19.82 7.22
CA THR B 375 -14.84 -20.32 7.84
C THR B 375 -15.97 -20.36 6.81
N SER B 376 -15.99 -19.43 5.86
CA SER B 376 -17.03 -19.39 4.86
C SER B 376 -16.89 -20.54 3.87
N THR B 377 -18.04 -21.04 3.40
CA THR B 377 -18.07 -21.99 2.30
C THR B 377 -18.20 -21.30 0.95
N ASP B 378 -18.33 -19.97 0.95
CA ASP B 378 -18.81 -19.22 -0.20
C ASP B 378 -17.65 -18.78 -1.11
N PHE B 379 -16.98 -19.77 -1.71
CA PHE B 379 -15.99 -19.55 -2.78
C PHE B 379 -16.31 -20.47 -3.94
N GLN B 380 -15.97 -20.06 -5.15
CA GLN B 380 -16.26 -20.81 -6.37
C GLN B 380 -14.96 -21.22 -7.05
N LEU B 381 -14.97 -22.39 -7.65
CA LEU B 381 -13.79 -22.84 -8.39
C LEU B 381 -13.75 -22.20 -9.78
N GLN B 382 -12.55 -22.11 -10.33
CA GLN B 382 -12.33 -21.61 -11.69
C GLN B 382 -12.77 -20.15 -11.86
N GLN B 383 -12.60 -19.35 -10.82
CA GLN B 383 -12.89 -17.92 -10.91
C GLN B 383 -11.70 -17.14 -10.39
N PRO B 384 -11.41 -15.99 -10.99
CA PRO B 384 -10.27 -15.17 -10.55
C PRO B 384 -10.40 -14.81 -9.08
N THR B 385 -9.30 -15.03 -8.34
CA THR B 385 -9.25 -14.90 -6.90
C THR B 385 -8.05 -14.05 -6.49
N LYS B 386 -8.25 -13.22 -5.46
CA LYS B 386 -7.19 -12.44 -4.85
C LYS B 386 -7.16 -12.71 -3.37
N PHE B 387 -5.96 -12.66 -2.79
CA PHE B 387 -5.81 -12.65 -1.33
C PHE B 387 -5.19 -11.33 -0.94
N THR B 388 -5.95 -10.53 -0.16
CA THR B 388 -5.46 -9.27 0.40
C THR B 388 -5.03 -9.51 1.84
N PRO B 389 -3.76 -9.30 2.18
CA PRO B 389 -3.33 -9.51 3.56
C PRO B 389 -3.84 -8.39 4.45
N VAL B 390 -4.11 -8.74 5.71
CA VAL B 390 -4.52 -7.75 6.72
C VAL B 390 -3.63 -7.81 7.96
N GLY B 391 -3.26 -8.99 8.41
CA GLY B 391 -2.43 -9.09 9.58
C GLY B 391 -1.97 -10.50 9.79
N ILE B 392 -1.64 -10.82 11.04
CA ILE B 392 -1.25 -12.17 11.41
C ILE B 392 -2.30 -12.75 12.32
N LYS B 393 -2.09 -13.97 12.79
CA LYS B 393 -3.02 -14.61 13.72
C LYS B 393 -2.21 -15.61 14.54
N ILE B 394 -2.47 -15.67 15.84
CA ILE B 394 -1.77 -16.59 16.74
C ILE B 394 -2.74 -17.67 17.18
N GLU B 395 -2.30 -18.93 17.07
CA GLU B 395 -3.05 -20.08 17.55
C GLU B 395 -2.06 -21.07 18.15
N SER B 396 -2.58 -21.95 19.01
CA SER B 396 -1.76 -23.04 19.53
C SER B 396 -1.17 -23.84 18.39
N GLY B 397 0.13 -24.11 18.46
CA GLY B 397 0.84 -24.79 17.41
C GLY B 397 1.16 -23.94 16.20
N HIS B 398 0.87 -22.65 16.24
CA HIS B 398 1.11 -21.77 15.10
C HIS B 398 1.64 -20.43 15.61
N GLU B 399 2.75 -20.48 16.32
CA GLU B 399 3.39 -19.24 16.76
C GLU B 399 3.95 -18.50 15.55
N PHE B 400 4.15 -17.19 15.72
CA PHE B 400 4.62 -16.33 14.65
C PHE B 400 6.12 -16.11 14.81
N ASP B 401 6.91 -16.50 13.80
CA ASP B 401 8.36 -16.28 13.80
C ASP B 401 8.72 -15.50 12.54
N GLN B 402 8.96 -14.20 12.70
CA GLN B 402 9.19 -13.35 11.56
C GLN B 402 10.52 -13.61 10.87
N TRP B 403 11.45 -14.32 11.52
CA TRP B 403 12.77 -14.54 10.94
C TRP B 403 12.99 -15.94 10.41
N ALA B 404 12.01 -16.82 10.51
CA ALA B 404 12.11 -18.16 9.96
C ALA B 404 11.43 -18.17 8.60
N LEU B 405 12.21 -18.33 7.54
CA LEU B 405 11.61 -18.39 6.21
C LEU B 405 10.72 -19.63 6.11
N PRO B 406 9.59 -19.53 5.42
CA PRO B 406 8.81 -20.74 5.15
C PRO B 406 9.51 -21.58 4.09
N ARG B 407 9.00 -22.78 3.88
CA ARG B 407 9.51 -23.67 2.85
C ARG B 407 8.74 -23.40 1.57
N TYR B 408 9.34 -22.65 0.65
CA TYR B 408 8.61 -22.18 -0.52
C TYR B 408 8.16 -23.31 -1.44
N SER B 409 8.84 -24.46 -1.39
CA SER B 409 8.43 -25.63 -2.16
C SER B 409 7.84 -26.74 -1.29
N GLY B 410 7.55 -26.48 -0.03
CA GLY B 410 6.80 -27.40 0.79
C GLY B 410 7.65 -28.24 1.72
N HIS B 411 6.97 -29.14 2.40
CA HIS B 411 7.60 -29.95 3.42
C HIS B 411 8.71 -30.80 2.82
N LEU B 412 9.80 -30.92 3.58
CA LEU B 412 10.99 -31.71 3.25
C LEU B 412 11.83 -31.10 2.13
N THR B 413 11.54 -29.89 1.70
CA THR B 413 12.33 -29.20 0.68
C THR B 413 13.07 -28.02 1.29
N LEU B 414 14.19 -27.66 0.64
CA LEU B 414 15.00 -26.52 1.03
C LEU B 414 14.87 -25.41 -0.01
N ASN B 415 15.08 -24.17 0.44
CA ASN B 415 14.87 -23.00 -0.39
C ASN B 415 16.09 -22.72 -1.28
N MET B 416 15.84 -22.18 -2.45
CA MET B 416 16.89 -21.86 -3.42
CA MET B 416 16.89 -21.86 -3.42
C MET B 416 16.78 -20.41 -3.83
N ASN B 417 17.86 -19.89 -4.40
CA ASN B 417 17.87 -18.55 -4.98
C ASN B 417 17.62 -17.44 -3.96
N LEU B 418 17.93 -17.68 -2.69
CA LEU B 418 17.62 -16.70 -1.65
C LEU B 418 18.54 -15.50 -1.72
N ALA B 419 18.01 -14.33 -1.37
CA ALA B 419 18.88 -13.22 -1.01
C ALA B 419 19.68 -13.62 0.22
N PRO B 420 20.95 -13.24 0.33
CA PRO B 420 21.81 -13.79 1.38
C PRO B 420 21.44 -13.28 2.77
N PRO B 421 21.91 -13.97 3.81
CA PRO B 421 21.69 -13.48 5.17
C PRO B 421 22.45 -12.19 5.42
N ILE B 422 21.95 -11.43 6.39
CA ILE B 422 22.42 -10.11 6.76
C ILE B 422 22.87 -10.11 8.21
N ALA B 423 24.02 -9.50 8.51
CA ALA B 423 24.48 -9.40 9.89
C ALA B 423 25.49 -8.27 9.99
N PRO B 424 25.64 -7.67 11.17
CA PRO B 424 26.72 -6.69 11.34
C PRO B 424 28.07 -7.37 11.25
N ASN B 425 29.04 -6.67 10.68
CA ASN B 425 30.37 -7.23 10.51
C ASN B 425 31.44 -6.32 11.08
N PHE B 426 31.10 -5.62 12.17
CA PHE B 426 31.99 -4.67 12.77
C PHE B 426 31.69 -4.69 14.27
N PRO B 427 32.71 -4.75 15.12
CA PRO B 427 32.46 -4.78 16.57
C PRO B 427 31.67 -3.57 17.04
N GLY B 428 30.74 -3.82 17.96
CA GLY B 428 29.95 -2.76 18.54
C GLY B 428 28.75 -2.33 17.71
N GLU B 429 28.54 -2.92 16.54
CA GLU B 429 27.44 -2.53 15.66
C GLU B 429 26.29 -3.52 15.77
N GLN B 430 25.07 -2.98 15.64
CA GLN B 430 23.83 -3.73 15.60
C GLN B 430 23.04 -3.32 14.37
N LEU B 431 22.16 -4.21 13.91
CA LEU B 431 21.21 -3.84 12.88
C LEU B 431 20.21 -2.82 13.42
N LEU B 432 19.78 -1.93 12.54
CA LEU B 432 18.69 -1.01 12.80
C LEU B 432 17.52 -1.43 11.93
N PHE B 433 16.34 -1.56 12.52
CA PHE B 433 15.13 -1.99 11.84
C PHE B 433 14.07 -0.89 11.84
N PHE B 434 13.28 -0.89 10.77
CA PHE B 434 12.04 -0.11 10.67
C PHE B 434 10.93 -1.06 11.10
N ARG B 435 10.31 -0.75 12.24
CA ARG B 435 9.43 -1.68 12.94
C ARG B 435 7.98 -1.27 12.79
N SER B 436 7.12 -2.23 12.46
CA SER B 436 5.67 -2.05 12.49
C SER B 436 5.05 -3.02 13.48
N ASN B 437 3.95 -2.59 14.08
CA ASN B 437 3.10 -3.46 14.90
C ASN B 437 1.83 -3.70 14.09
N VAL B 438 1.75 -4.84 13.43
CA VAL B 438 0.69 -5.08 12.45
C VAL B 438 -0.54 -5.69 13.14
N PRO B 439 -1.71 -5.67 12.48
CA PRO B 439 -2.90 -6.25 13.10
C PRO B 439 -2.76 -7.75 13.32
N CYS B 440 -3.49 -8.23 14.30
CA CYS B 440 -3.53 -9.64 14.67
C CYS B 440 -4.96 -10.07 14.96
N ALA B 441 -5.36 -11.19 14.36
CA ALA B 441 -6.72 -11.71 14.48
C ALA B 441 -6.80 -12.71 15.63
N GLY B 442 -6.46 -12.24 16.82
CA GLY B 442 -6.58 -13.07 18.00
C GLY B 442 -5.24 -13.62 18.46
N GLY B 443 -5.10 -13.75 19.78
CA GLY B 443 -3.87 -14.19 20.40
C GLY B 443 -3.07 -13.02 20.94
N VAL B 444 -2.22 -13.32 21.93
CA VAL B 444 -1.36 -12.29 22.50
C VAL B 444 -0.18 -12.09 21.55
N SER B 445 -0.06 -10.87 21.03
CA SER B 445 1.00 -10.59 20.07
C SER B 445 1.22 -9.09 19.97
N ASP B 446 2.48 -8.69 19.98
CA ASP B 446 2.83 -7.31 19.67
C ASP B 446 2.80 -7.01 18.17
N GLY B 447 2.57 -8.02 17.33
CA GLY B 447 2.49 -7.81 15.90
C GLY B 447 3.76 -7.34 15.22
N VAL B 448 4.93 -7.57 15.82
CA VAL B 448 6.14 -6.94 15.32
C VAL B 448 6.59 -7.59 14.01
N ILE B 449 6.71 -6.75 12.97
CA ILE B 449 7.39 -7.11 11.73
C ILE B 449 8.42 -6.03 11.47
N ASP B 450 9.68 -6.43 11.39
CA ASP B 450 10.82 -5.54 11.23
C ASP B 450 11.34 -5.64 9.80
N CYS B 451 11.59 -4.51 9.15
CA CYS B 451 12.22 -4.55 7.83
C CYS B 451 13.55 -3.80 7.84
N LEU B 452 14.36 -4.11 6.83
CA LEU B 452 15.71 -3.54 6.72
C LEU B 452 15.69 -2.19 6.02
N LEU B 453 14.77 -1.98 5.09
CA LEU B 453 14.62 -0.75 4.32
C LEU B 453 13.13 -0.51 4.19
N PRO B 454 12.66 0.72 4.35
CA PRO B 454 11.25 0.99 4.05
C PRO B 454 10.97 0.81 2.56
N GLN B 455 9.71 0.51 2.25
CA GLN B 455 9.35 0.29 0.85
C GLN B 455 9.66 1.51 -0.01
N GLU B 456 9.45 2.72 0.53
CA GLU B 456 9.69 3.92 -0.28
C GLU B 456 11.16 4.09 -0.62
N TRP B 457 12.06 3.63 0.25
CA TRP B 457 13.47 3.70 -0.10
C TRP B 457 13.77 2.74 -1.25
N ILE B 458 13.22 1.54 -1.21
CA ILE B 458 13.37 0.59 -2.31
C ILE B 458 12.84 1.19 -3.60
N GLN B 459 11.66 1.80 -3.55
CA GLN B 459 11.09 2.42 -4.74
C GLN B 459 12.01 3.53 -5.26
N HIS B 460 12.61 4.30 -4.35
CA HIS B 460 13.49 5.38 -4.72
C HIS B 460 14.77 4.86 -5.37
N PHE B 461 15.39 3.83 -4.77
CA PHE B 461 16.62 3.28 -5.33
C PHE B 461 16.36 2.67 -6.70
N TYR B 462 15.21 2.00 -6.87
CA TYR B 462 14.88 1.45 -8.17
C TYR B 462 14.81 2.55 -9.24
N GLN B 463 14.20 3.68 -8.91
CA GLN B 463 14.13 4.80 -9.85
C GLN B 463 15.51 5.39 -10.13
N GLU B 464 16.25 5.72 -9.07
CA GLU B 464 17.49 6.47 -9.23
CA GLU B 464 17.48 6.48 -9.24
C GLU B 464 18.61 5.63 -9.80
N SER B 465 18.73 4.39 -9.35
CA SER B 465 19.78 3.48 -9.82
C SER B 465 21.16 4.16 -9.78
N ALA B 466 21.43 4.86 -8.70
CA ALA B 466 22.71 5.55 -8.60
C ALA B 466 23.82 4.55 -8.31
N PRO B 467 24.93 4.58 -9.05
CA PRO B 467 26.01 3.63 -8.76
C PRO B 467 26.54 3.81 -7.34
N SER B 468 26.78 2.69 -6.67
CA SER B 468 27.34 2.76 -5.33
C SER B 468 28.84 3.00 -5.44
N GLN B 469 29.34 4.01 -4.73
CA GLN B 469 30.73 4.43 -4.88
C GLN B 469 31.65 3.83 -3.83
N SER B 470 31.10 3.12 -2.84
CA SER B 470 31.86 2.31 -1.90
C SER B 470 30.89 1.27 -1.33
N ASP B 471 31.38 0.49 -0.37
CA ASP B 471 30.53 -0.53 0.25
C ASP B 471 29.55 0.02 1.26
N VAL B 472 29.71 1.27 1.71
CA VAL B 472 28.89 1.82 2.79
C VAL B 472 28.59 3.27 2.51
N ALA B 473 27.30 3.61 2.53
CA ALA B 473 26.86 5.00 2.55
C ALA B 473 26.68 5.43 4.00
N LEU B 474 27.48 6.41 4.45
CA LEU B 474 27.24 7.01 5.76
C LEU B 474 25.99 7.87 5.66
N ILE B 475 25.05 7.66 6.59
CA ILE B 475 23.81 8.42 6.64
C ILE B 475 23.66 9.05 8.02
N ARG B 476 23.00 10.19 8.05
CA ARG B 476 22.80 10.97 9.27
C ARG B 476 21.30 11.15 9.50
N TYR B 477 20.84 10.85 10.71
CA TYR B 477 19.45 11.14 11.09
C TYR B 477 19.41 12.58 11.57
N VAL B 478 18.56 13.39 10.97
CA VAL B 478 18.57 14.83 11.24
C VAL B 478 17.21 15.28 11.77
N ASN B 479 17.26 16.31 12.60
CA ASN B 479 16.07 17.08 12.93
C ASN B 479 16.05 18.28 11.99
N PRO B 480 15.13 18.35 11.03
CA PRO B 480 15.17 19.45 10.05
C PRO B 480 14.88 20.81 10.65
N ASP B 481 14.20 20.87 11.80
CA ASP B 481 13.87 22.15 12.41
C ASP B 481 15.09 22.79 13.06
N THR B 482 15.82 22.02 13.86
CA THR B 482 17.01 22.53 14.53
C THR B 482 18.26 22.39 13.67
N GLY B 483 18.23 21.56 12.64
CA GLY B 483 19.38 21.28 11.81
C GLY B 483 20.36 20.28 12.40
N ARG B 484 20.12 19.80 13.61
CA ARG B 484 21.09 18.94 14.28
C ARG B 484 21.08 17.53 13.71
N THR B 485 22.27 16.94 13.63
CA THR B 485 22.41 15.51 13.40
C THR B 485 22.20 14.81 14.72
N LEU B 486 21.26 13.87 14.74
CA LEU B 486 20.92 13.18 15.98
C LEU B 486 21.72 11.90 16.17
N PHE B 487 22.07 11.20 15.09
CA PHE B 487 22.98 10.08 15.16
C PHE B 487 23.41 9.75 13.75
N GLU B 488 24.48 8.96 13.64
CA GLU B 488 24.93 8.50 12.35
C GLU B 488 24.78 6.98 12.24
N ALA B 489 24.70 6.49 11.00
CA ALA B 489 24.49 5.08 10.75
C ALA B 489 25.18 4.70 9.45
N LYS B 490 25.43 3.40 9.29
CA LYS B 490 26.00 2.86 8.06
C LYS B 490 24.91 2.19 7.25
N LEU B 491 24.72 2.65 6.01
CA LEU B 491 23.78 2.05 5.07
C LEU B 491 24.61 1.24 4.08
N HIS B 492 24.56 -0.08 4.20
CA HIS B 492 25.42 -0.96 3.44
C HIS B 492 24.92 -1.14 2.02
N ARG B 493 25.86 -1.36 1.10
CA ARG B 493 25.56 -1.50 -0.33
C ARG B 493 24.48 -2.53 -0.60
N THR B 494 24.44 -3.60 0.19
CA THR B 494 23.48 -4.68 -0.01
C THR B 494 22.12 -4.40 0.60
N GLY B 495 21.93 -3.24 1.24
CA GLY B 495 20.61 -2.78 1.63
C GLY B 495 20.21 -3.06 3.07
N TYR B 496 20.99 -2.57 4.02
CA TYR B 496 20.64 -2.68 5.44
C TYR B 496 21.44 -1.65 6.21
N ILE B 497 21.01 -1.36 7.43
CA ILE B 497 21.60 -0.32 8.25
C ILE B 497 22.18 -0.89 9.53
N THR B 498 23.36 -0.40 9.92
CA THR B 498 23.89 -0.68 11.25
C THR B 498 24.14 0.62 12.01
N VAL B 499 24.08 0.50 13.33
CA VAL B 499 24.35 1.59 14.26
C VAL B 499 25.29 1.06 15.33
N ALA B 500 25.99 1.98 16.00
CA ALA B 500 26.88 1.63 17.12
C ALA B 500 26.05 1.71 18.40
N HIS B 501 25.64 0.56 18.92
CA HIS B 501 24.84 0.52 20.14
C HIS B 501 24.95 -0.89 20.70
N SER B 502 24.78 -1.00 22.02
CA SER B 502 24.83 -2.30 22.69
C SER B 502 23.54 -2.50 23.46
N GLY B 503 22.70 -3.42 22.99
CA GLY B 503 21.45 -3.77 23.66
C GLY B 503 20.24 -3.48 22.81
N ASP B 504 19.12 -4.14 23.10
CA ASP B 504 17.85 -3.79 22.48
C ASP B 504 17.50 -2.35 22.85
N TYR B 505 17.03 -1.59 21.87
CA TYR B 505 16.72 -0.18 22.13
C TYR B 505 15.71 0.34 21.12
N PRO B 506 14.50 0.72 21.56
CA PRO B 506 13.57 1.49 20.71
C PRO B 506 14.07 2.92 20.67
N LEU B 507 14.39 3.42 19.48
CA LEU B 507 15.04 4.71 19.39
C LEU B 507 14.07 5.83 19.77
N VAL B 508 14.59 6.81 20.50
CA VAL B 508 13.82 8.00 20.89
C VAL B 508 14.26 9.12 19.95
N VAL B 509 13.40 9.42 18.97
CA VAL B 509 13.69 10.38 17.91
C VAL B 509 12.45 11.23 17.67
N PRO B 510 12.66 12.47 17.24
CA PRO B 510 11.53 13.38 17.02
C PRO B 510 10.74 12.99 15.78
N SER B 511 9.44 13.28 15.81
CA SER B 511 8.56 12.85 14.75
C SER B 511 8.88 13.48 13.40
N ASN B 512 9.60 14.60 13.37
CA ASN B 512 9.96 15.23 12.12
C ASN B 512 11.28 14.73 11.54
N GLY B 513 11.94 13.77 12.20
CA GLY B 513 13.29 13.42 11.80
C GLY B 513 13.34 12.49 10.60
N TYR B 514 14.48 12.48 9.92
CA TYR B 514 14.67 11.57 8.78
C TYR B 514 16.15 11.45 8.48
N PHE B 515 16.50 10.39 7.77
CA PHE B 515 17.88 10.14 7.36
C PHE B 515 18.22 10.92 6.09
N ARG B 516 19.48 11.36 6.04
CA ARG B 516 20.06 12.03 4.87
C ARG B 516 21.38 11.36 4.53
N PHE B 517 21.62 11.16 3.23
CA PHE B 517 22.90 10.64 2.79
C PHE B 517 24.00 11.66 3.04
N ASP B 518 25.10 11.20 3.62
CA ASP B 518 26.28 12.03 3.87
C ASP B 518 27.39 11.80 2.86
N SER B 519 27.92 10.58 2.78
CA SER B 519 29.12 10.33 1.99
C SER B 519 29.34 8.83 1.88
N TRP B 520 30.13 8.43 0.91
CA TRP B 520 30.54 7.04 0.74
C TRP B 520 31.80 6.80 1.56
N VAL B 521 31.73 5.86 2.51
CA VAL B 521 32.85 5.61 3.41
C VAL B 521 33.32 4.17 3.28
N ASN B 522 34.38 3.85 4.01
CA ASN B 522 34.88 2.48 4.05
C ASN B 522 34.01 1.62 4.97
N GLN B 523 34.07 0.32 4.76
CA GLN B 523 33.34 -0.62 5.62
C GLN B 523 33.79 -0.48 7.07
N PHE B 524 35.04 -0.09 7.30
CA PHE B 524 35.59 0.01 8.65
C PHE B 524 35.42 1.40 9.27
N TYR B 525 34.59 2.25 8.69
CA TYR B 525 34.29 3.52 9.31
C TYR B 525 33.77 3.28 10.73
N SER B 526 34.30 4.02 11.69
CA SER B 526 33.92 3.85 13.09
C SER B 526 32.79 4.83 13.39
N LEU B 527 31.59 4.30 13.64
CA LEU B 527 30.44 5.16 13.93
C LEU B 527 30.56 5.77 15.32
N ALA B 528 30.09 7.00 15.44
CA ALA B 528 29.86 7.59 16.74
C ALA B 528 28.81 6.78 17.50
N PRO B 529 29.04 6.44 18.76
CA PRO B 529 28.02 5.76 19.56
C PRO B 529 26.67 6.46 19.48
N MET B 530 25.61 5.66 19.33
CA MET B 530 24.25 6.17 19.30
C MET B 530 23.52 5.70 20.56
C1 EDO C . -14.69 7.77 -15.27
O1 EDO C . -15.24 6.96 -14.22
C2 EDO C . -15.72 8.81 -15.66
O2 EDO C . -16.92 8.13 -16.03
H11 EDO C . -14.43 7.16 -16.12
H12 EDO C . -13.77 8.26 -14.91
HO1 EDO C . -14.58 6.31 -13.93
H21 EDO C . -15.36 9.41 -16.49
H22 EDO C . -15.91 9.49 -14.83
HO2 EDO C . -17.69 8.69 -15.82
C1 PEG D . 6.57 27.40 -20.64
O1 PEG D . 7.21 28.48 -19.99
C2 PEG D . 6.10 27.79 -22.01
O2 PEG D . 4.76 27.36 -22.18
C3 PEG D . 3.89 28.40 -22.63
C4 PEG D . 3.17 29.00 -21.45
O4 PEG D . 1.77 28.98 -21.65
H11 PEG D . 5.81 27.11 -20.11
H12 PEG D . 7.20 26.66 -20.72
HO1 PEG D . 6.69 28.92 -19.47
H21 PEG D . 6.66 27.37 -22.67
H22 PEG D . 6.15 28.75 -22.10
H31 PEG D . 3.24 28.03 -23.25
H32 PEG D . 4.42 29.08 -23.07
H41 PEG D . 3.48 29.92 -21.34
H42 PEG D . 3.39 28.49 -20.66
HO4 PEG D . 1.46 29.70 -21.99
C1 EDO E . -24.47 -2.88 5.34
O1 EDO E . -23.70 -1.84 5.96
C2 EDO E . -25.88 -2.79 5.93
O2 EDO E . -26.26 -1.41 5.86
H11 EDO E . -24.04 -3.86 5.55
H12 EDO E . -24.51 -2.75 4.26
HO1 EDO E . -23.35 -1.26 5.27
H21 EDO E . -25.89 -3.14 6.96
H22 EDO E . -26.57 -3.41 5.36
HO2 EDO E . -26.45 -1.08 6.76
C1 EDO F . 8.51 7.52 -7.18
O1 EDO F . 9.71 8.19 -7.59
C2 EDO F . 8.77 6.03 -7.03
O2 EDO F . 7.58 5.37 -6.55
H11 EDO F . 8.17 7.94 -6.23
H12 EDO F . 7.72 7.70 -7.92
HO1 EDO F . 9.49 8.89 -8.22
H21 EDO F . 9.59 5.87 -6.33
H22 EDO F . 9.07 5.61 -7.99
HO2 EDO F . 7.78 4.44 -6.39
C1 EDO G . 10.39 7.97 -3.13
O1 EDO G . 11.16 8.96 -3.84
C2 EDO G . 9.08 8.58 -2.68
O2 EDO G . 8.23 7.58 -2.08
H11 EDO G . 10.96 7.62 -2.26
H12 EDO G . 10.21 7.11 -3.77
HO1 EDO G . 12.05 9.00 -3.47
H21 EDO G . 8.56 9.01 -3.55
H22 EDO G . 9.26 9.37 -1.97
HO2 EDO G . 7.49 8.01 -1.64
C1 EDO H . 14.77 -7.74 15.33
O1 EDO H . 13.53 -8.45 15.25
C2 EDO H . 15.86 -8.75 15.70
O2 EDO H . 15.55 -9.29 16.98
H11 EDO H . 14.72 -6.95 16.08
H12 EDO H . 15.00 -7.28 14.37
HO1 EDO H . 12.83 -7.83 14.97
H21 EDO H . 16.84 -8.25 15.73
H22 EDO H . 15.92 -9.54 14.94
HO2 EDO H . 15.98 -10.16 17.07
C1 EDO I . 13.54 2.00 -14.05
O1 EDO I . 13.80 3.08 -14.96
C2 EDO I . 14.84 1.65 -13.33
O2 EDO I . 15.44 2.86 -12.85
H11 EDO I . 13.17 1.14 -14.59
H12 EDO I . 12.78 2.30 -13.33
HO1 EDO I . 12.96 3.46 -15.27
H21 EDO I . 15.52 1.13 -14.01
H22 EDO I . 14.63 0.98 -12.50
HO2 EDO I . 16.19 2.63 -12.27
C1 EDO J . -17.49 -24.65 -6.29
O1 EDO J . -17.27 -23.90 -7.49
C2 EDO J . -16.67 -24.09 -5.13
O2 EDO J . -17.45 -24.23 -3.94
H11 EDO J . -17.22 -25.69 -6.46
H12 EDO J . -18.55 -24.61 -6.04
HO1 EDO J . -18.10 -23.81 -7.98
H21 EDO J . -16.42 -23.04 -5.31
H22 EDO J . -15.73 -24.63 -5.04
HO2 EDO J . -17.29 -23.46 -3.37
#